data_6S2G
#
_entry.id   6S2G
#
_cell.length_a   74.850
_cell.length_b   205.974
_cell.length_c   145.170
_cell.angle_alpha   90.00
_cell.angle_beta   90.00
_cell.angle_gamma   90.00
#
_symmetry.space_group_name_H-M   'P 21 21 2'
#
loop_
_entity.id
_entity.type
_entity.pdbx_description
1 polymer Beta-fructofuranosidase
2 branched beta-D-mannopyranose-(1-4)-2-acetamido-2-deoxy-beta-D-glucopyranose-(1-4)-2-acetamido-2-deoxy-beta-D-glucopyranose
3 branched alpha-D-mannopyranose-(1-2)-alpha-D-mannopyranose-(1-2)-alpha-D-mannopyranose-(1-3)-[alpha-D-mannopyranose-(1-3)-[alpha-D-mannopyranose-(1-6)]alpha-D-mannopyranose-(1-6)]beta-D-mannopyranose-(1-4)-2-acetamido-2-deoxy-beta-D-glucopyranose-(1-4)-2-acetamido-2-deoxy-beta-D-glucopyranose
4 branched alpha-D-mannopyranose-(1-2)-alpha-D-mannopyranose-(1-2)-alpha-D-mannopyranose-(1-3)-[alpha-D-mannopyranose-(1-2)-alpha-D-mannopyranose-(1-6)-[alpha-D-mannopyranose-(1-3)]alpha-D-mannopyranose-(1-6)]beta-D-mannopyranose-(1-4)-2-acetamido-2-deoxy-beta-D-glucopyranose-(1-4)-2-acetamido-2-deoxy-beta-D-glucopyranose
5 non-polymer beta-D-fructofuranose
6 non-polymer '(2R,3R)-5,7-dihydroxy-2-(3,4,5-trihydroxyphenyl)-3,4-dihydro-2H-chromen-3-yl 3,4,5-trihydroxybenzoate'
7 non-polymer 1,2-ETHANEDIOL
8 non-polymer 2-acetamido-2-deoxy-beta-D-glucopyranose
9 water water
#
_entity_poly.entity_id   1
_entity_poly.type   'polypeptide(L)'
_entity_poly.pdbx_seq_one_letter_code
;MVAPLLKTLPFLAAAYAAELDLPNFSALNRRQDNSTSSSAGCSLDQTVAPGNLTLCGNATLFTTFRPKARFIAPEGWMNA
PMGLYQRADGSIHAGYQSHPKHIQWGNISQGAAYSSDFTSWTDFNGSEGYKTIWPSQIYDIRGVFDGSIIKEGIDGYPTI
LYTSTSFGPLGATLNEAEGTETQSLAYTTDDGASWIKLGYGAGQNPVIYEWPETNLTGFRDPYVFQSPRLEALLANTTSI
TNATGDHFATISGGVHGDGARLFLYRQHTTGEFIKWTYLGPLVTTGYKESYGEWSGNYGINFETAGVTRLNPAGAAWDNG
SDTTAVDFVTFGTEQGRADHQNHWPLWAAVDYEVRDNGSIEAVIAYSGVQDWGRSYAYASFPVEGYRQVSVGWIYEDDDN
VILAKQFGYQGAFTLFRDLFVKVVENVSPSTPGLFEQASWSTKNSTDGMSVTVTTLGQRVVPETLAAYKGNSTVSTLAPV
MLNESAAAYTPFSSQPTDRFYALTGSFEFGLNTTAKAGFRVLASEEEYTDIWFDPASENLTVVRTASSLIKSFGNDTELA
KVKLYEIVGAESKTLNLTVFVDGSVIEIYANDEVALSTRAYPWLANSTGAGLLADGTTAGDVVGVSGLELWDGLVDAWPA
RPANTSQGLVWDGPTAAMYGLFAGY
;
_entity_poly.pdbx_strand_id   A,B
#
# COMPACT_ATOMS: atom_id res chain seq x y z
N CYS A 42 -6.91 1.55 -41.83
CA CYS A 42 -5.60 1.26 -41.17
C CYS A 42 -5.58 -0.16 -40.59
N SER A 43 -4.48 -0.86 -40.81
CA SER A 43 -4.33 -2.24 -40.37
C SER A 43 -3.47 -2.30 -39.11
N LEU A 44 -3.93 -3.06 -38.12
CA LEU A 44 -3.18 -3.28 -36.88
C LEU A 44 -2.65 -4.71 -36.80
N ASP A 45 -2.42 -5.33 -37.96
CA ASP A 45 -1.93 -6.69 -38.02
C ASP A 45 -0.44 -6.66 -37.72
N GLN A 46 -0.07 -7.12 -36.52
CA GLN A 46 1.33 -7.14 -36.09
C GLN A 46 2.04 -8.45 -36.45
N THR A 47 1.44 -9.29 -37.30
CA THR A 47 2.12 -10.46 -37.85
C THR A 47 2.70 -10.19 -39.23
N VAL A 48 2.46 -9.00 -39.78
CA VAL A 48 3.01 -8.62 -41.07
C VAL A 48 3.62 -7.23 -40.95
N ALA A 49 4.32 -6.81 -41.98
CA ALA A 49 5.00 -5.51 -41.99
C ALA A 49 3.99 -4.39 -41.75
N PRO A 50 4.44 -3.31 -41.07
CA PRO A 50 3.52 -2.20 -40.83
C PRO A 50 3.18 -1.44 -42.10
N GLY A 51 1.92 -1.05 -42.23
CA GLY A 51 1.49 -0.20 -43.32
C GLY A 51 1.82 1.25 -43.05
N ASN A 52 1.02 2.14 -43.63
CA ASN A 52 1.15 3.56 -43.42
C ASN A 52 0.35 3.92 -42.17
N LEU A 53 1.02 3.90 -41.02
CA LEU A 53 0.34 4.05 -39.73
C LEU A 53 -0.19 5.46 -39.50
N THR A 54 0.30 6.45 -40.24
CA THR A 54 -0.27 7.80 -40.20
C THR A 54 -1.72 7.89 -40.66
N LEU A 55 -2.22 6.87 -41.35
CA LEU A 55 -3.64 6.80 -41.71
C LEU A 55 -4.52 6.33 -40.57
N CYS A 56 -3.93 5.78 -39.51
CA CYS A 56 -4.70 5.27 -38.39
C CYS A 56 -5.33 6.42 -37.60
N GLY A 57 -6.47 6.13 -36.98
CA GLY A 57 -7.21 7.11 -36.21
C GLY A 57 -6.53 7.43 -34.89
N ASN A 58 -7.10 8.42 -34.20
CA ASN A 58 -6.60 8.87 -32.92
C ASN A 58 -6.67 7.75 -31.90
N ALA A 59 -5.57 7.53 -31.18
CA ALA A 59 -5.52 6.52 -30.12
C ALA A 59 -5.76 5.07 -30.58
N THR A 60 -5.64 4.79 -31.89
CA THR A 60 -5.76 3.42 -32.40
C THR A 60 -4.54 2.59 -32.01
N LEU A 61 -3.40 3.25 -31.79
CA LEU A 61 -2.19 2.60 -31.28
C LEU A 61 -1.99 2.77 -29.76
N PHE A 62 -3.07 2.99 -29.00
CA PHE A 62 -2.97 3.33 -27.59
C PHE A 62 -2.25 2.26 -26.78
N THR A 63 -2.61 1.00 -26.96
CA THR A 63 -2.04 -0.08 -26.19
C THR A 63 -0.84 -0.75 -26.82
N THR A 64 -0.45 -0.37 -28.04
CA THR A 64 0.56 -1.11 -28.80
C THR A 64 1.96 -1.04 -28.19
N PHE A 65 2.37 0.15 -27.78
CA PHE A 65 3.71 0.41 -27.25
C PHE A 65 3.70 0.91 -25.80
N ARG A 66 2.56 0.81 -25.12
CA ARG A 66 2.33 1.60 -23.90
C ARG A 66 2.95 0.93 -22.68
N PRO A 67 3.73 1.66 -21.88
CA PRO A 67 4.17 1.04 -20.61
C PRO A 67 2.98 0.66 -19.73
N LYS A 68 3.15 -0.40 -18.96
CA LYS A 68 2.14 -0.92 -18.04
C LYS A 68 2.58 -0.92 -16.55
N ALA A 69 3.89 -0.97 -16.30
CA ALA A 69 4.42 -1.22 -14.97
C ALA A 69 5.00 0.01 -14.27
N ARG A 70 4.69 1.20 -14.78
CA ARG A 70 5.29 2.44 -14.28
C ARG A 70 4.28 3.56 -14.22
N PHE A 71 4.69 4.67 -13.63
CA PHE A 71 3.84 5.87 -13.57
C PHE A 71 3.72 6.47 -14.97
N ILE A 72 2.48 6.69 -15.36
CA ILE A 72 2.12 7.34 -16.63
C ILE A 72 0.73 7.96 -16.46
N ALA A 73 0.47 9.06 -17.13
CA ALA A 73 -0.86 9.69 -17.12
C ALA A 73 -1.92 8.76 -17.72
N PRO A 74 -3.22 8.97 -17.38
CA PRO A 74 -4.24 8.14 -18.05
C PRO A 74 -4.26 8.25 -19.57
N GLU A 75 -3.97 9.43 -20.08
CA GLU A 75 -3.92 9.69 -21.50
C GLU A 75 -3.29 11.03 -21.77
N GLY A 76 -3.02 11.29 -23.06
CA GLY A 76 -2.56 12.60 -23.48
C GLY A 76 -1.13 12.89 -23.12
N TRP A 77 -0.81 14.17 -23.07
CA TRP A 77 0.55 14.64 -22.91
C TRP A 77 0.93 14.75 -21.44
N MET A 78 2.09 14.22 -21.09
CA MET A 78 2.71 14.51 -19.78
C MET A 78 4.17 14.87 -19.95
N ASN A 79 4.70 15.65 -19.00
CA ASN A 79 6.13 15.85 -18.90
C ASN A 79 6.63 15.76 -17.44
N ALA A 80 7.22 16.82 -16.90
CA ALA A 80 8.01 16.75 -15.67
C ALA A 80 7.18 16.31 -14.45
N PRO A 81 7.74 15.44 -13.60
CA PRO A 81 7.24 15.26 -12.27
C PRO A 81 7.21 16.59 -11.52
N MET A 82 6.28 16.73 -10.58
CA MET A 82 6.14 17.92 -9.76
C MET A 82 5.37 17.59 -8.49
N GLY A 83 5.46 18.50 -7.51
CA GLY A 83 4.70 18.43 -6.27
C GLY A 83 4.81 17.12 -5.51
N LEU A 84 5.99 16.53 -5.52
CA LEU A 84 6.20 15.22 -4.92
C LEU A 84 6.32 15.36 -3.41
N TYR A 85 5.55 14.57 -2.67
CA TYR A 85 5.70 14.53 -1.22
C TYR A 85 5.06 13.29 -0.63
N GLN A 86 5.57 12.92 0.53
CA GLN A 86 4.99 11.82 1.28
C GLN A 86 3.90 12.39 2.19
N ARG A 87 2.70 11.88 2.02
CA ARG A 87 1.53 12.36 2.75
C ARG A 87 1.54 11.86 4.18
N ALA A 88 0.63 12.38 4.98
CA ALA A 88 0.56 12.08 6.42
C ALA A 88 0.29 10.59 6.70
N ASP A 89 -0.40 9.91 5.80
CA ASP A 89 -0.62 8.47 5.95
C ASP A 89 0.51 7.59 5.45
N GLY A 90 1.61 8.21 4.99
CA GLY A 90 2.76 7.47 4.47
C GLY A 90 2.73 7.21 2.97
N SER A 91 1.60 7.49 2.32
CA SER A 91 1.48 7.26 0.89
C SER A 91 2.26 8.37 0.16
N ILE A 92 2.57 8.12 -1.10
CA ILE A 92 3.32 9.06 -1.94
C ILE A 92 2.35 9.80 -2.86
N HIS A 93 2.38 11.13 -2.83
CA HIS A 93 1.70 11.96 -3.78
C HIS A 93 2.66 12.36 -4.90
N ALA A 94 2.29 12.07 -6.14
CA ALA A 94 3.07 12.42 -7.32
C ALA A 94 2.21 13.25 -8.25
N GLY A 95 2.67 14.47 -8.53
CA GLY A 95 2.11 15.30 -9.56
C GLY A 95 2.94 15.20 -10.82
N TYR A 96 2.38 15.70 -11.91
CA TYR A 96 3.08 15.79 -13.18
C TYR A 96 2.49 16.85 -14.08
N GLN A 97 3.36 17.48 -14.86
CA GLN A 97 2.94 18.41 -15.89
C GLN A 97 2.07 17.64 -16.91
N SER A 98 0.87 18.14 -17.18
CA SER A 98 -0.19 17.39 -17.87
C SER A 98 -0.99 18.25 -18.82
N HIS A 99 -1.29 17.69 -19.99
CA HIS A 99 -2.20 18.31 -20.96
C HIS A 99 -3.13 17.23 -21.50
N PRO A 100 -4.21 16.93 -20.76
CA PRO A 100 -5.13 15.89 -21.21
C PRO A 100 -5.73 16.15 -22.60
N LYS A 101 -6.00 15.07 -23.33
CA LYS A 101 -6.71 15.09 -24.61
C LYS A 101 -5.97 15.87 -25.72
N HIS A 102 -4.65 16.01 -25.52
CA HIS A 102 -3.73 16.62 -26.48
C HIS A 102 -2.48 15.72 -26.47
N ILE A 103 -1.67 15.82 -27.51
CA ILE A 103 -0.39 15.11 -27.57
C ILE A 103 0.81 16.04 -27.76
N GLN A 104 0.59 17.35 -27.63
CA GLN A 104 1.67 18.30 -27.43
C GLN A 104 1.40 19.12 -26.16
N TRP A 105 2.46 19.73 -25.67
CA TRP A 105 2.44 20.56 -24.46
C TRP A 105 1.50 21.77 -24.60
N GLY A 106 0.90 22.19 -23.49
CA GLY A 106 0.10 23.40 -23.44
C GLY A 106 -0.87 23.37 -22.27
N ASN A 107 -1.48 24.51 -21.98
CA ASN A 107 -2.32 24.72 -20.80
C ASN A 107 -1.81 23.93 -19.60
N ILE A 108 -0.51 24.00 -19.38
CA ILE A 108 0.12 22.95 -18.59
C ILE A 108 -0.41 23.01 -17.14
N SER A 109 -0.75 21.84 -16.63
CA SER A 109 -1.45 21.67 -15.37
C SER A 109 -0.77 20.58 -14.55
N GLN A 110 -1.13 20.48 -13.27
CA GLN A 110 -0.72 19.33 -12.46
C GLN A 110 -1.78 18.24 -12.51
N GLY A 111 -1.40 17.09 -13.07
CA GLY A 111 -2.14 15.85 -12.90
C GLY A 111 -1.57 15.16 -11.69
N ALA A 112 -2.34 14.29 -11.05
CA ALA A 112 -1.85 13.68 -9.82
C ALA A 112 -2.42 12.33 -9.51
N ALA A 113 -1.65 11.57 -8.74
CA ALA A 113 -2.00 10.24 -8.29
C ALA A 113 -1.26 9.94 -6.98
N TYR A 114 -1.68 8.88 -6.31
CA TYR A 114 -1.02 8.45 -5.09
C TYR A 114 -0.74 6.96 -5.05
N SER A 115 0.20 6.58 -4.19
CA SER A 115 0.63 5.19 -4.05
C SER A 115 1.16 4.93 -2.65
N SER A 116 0.92 3.75 -2.11
CA SER A 116 1.52 3.39 -0.83
C SER A 116 2.90 2.71 -0.98
N ASP A 117 3.34 2.40 -2.21
CA ASP A 117 4.58 1.64 -2.41
C ASP A 117 5.41 2.05 -3.64
N PHE A 118 5.20 3.26 -4.15
CA PHE A 118 5.80 3.77 -5.40
C PHE A 118 5.41 3.01 -6.67
N THR A 119 4.62 1.94 -6.55
CA THR A 119 4.55 0.94 -7.62
C THR A 119 3.13 0.78 -8.20
N SER A 120 2.14 0.58 -7.31
CA SER A 120 0.75 0.54 -7.65
C SER A 120 0.11 1.90 -7.30
N TRP A 121 -0.52 2.53 -8.29
CA TRP A 121 -0.99 3.91 -8.19
C TRP A 121 -2.50 4.00 -8.37
N THR A 122 -3.06 5.07 -7.82
CA THR A 122 -4.46 5.44 -8.00
C THR A 122 -4.58 6.90 -8.38
N ASP A 123 -5.34 7.17 -9.45
CA ASP A 123 -5.57 8.53 -9.92
C ASP A 123 -6.44 9.29 -8.95
N PHE A 124 -6.18 10.58 -8.76
CA PHE A 124 -7.20 11.45 -8.15
C PHE A 124 -8.31 11.61 -9.16
N ASN A 125 -9.50 11.87 -8.65
CA ASN A 125 -10.67 12.09 -9.47
C ASN A 125 -11.55 13.17 -8.84
N GLY A 126 -11.55 14.34 -9.45
CA GLY A 126 -12.28 15.51 -8.93
C GLY A 126 -13.02 16.15 -10.08
N SER A 127 -13.37 17.43 -9.91
CA SER A 127 -14.11 18.16 -10.94
C SER A 127 -13.36 18.30 -12.27
N GLU A 128 -12.02 18.28 -12.22
CA GLU A 128 -11.20 18.32 -13.44
C GLU A 128 -10.54 16.97 -13.71
N GLY A 129 -11.22 15.88 -13.36
CA GLY A 129 -10.71 14.55 -13.63
C GLY A 129 -9.51 14.28 -12.76
N TYR A 130 -8.38 13.95 -13.38
CA TYR A 130 -7.15 13.69 -12.64
C TYR A 130 -6.25 14.93 -12.46
N LYS A 131 -6.67 16.07 -12.97
CA LYS A 131 -5.98 17.32 -12.70
C LYS A 131 -6.33 17.85 -11.31
N THR A 132 -5.35 18.46 -10.65
CA THR A 132 -5.59 19.11 -9.35
C THR A 132 -5.17 20.58 -9.25
N ILE A 133 -4.33 21.06 -10.19
CA ILE A 133 -4.02 22.49 -10.31
C ILE A 133 -3.97 22.80 -11.80
N TRP A 134 -4.56 23.92 -12.19
CA TRP A 134 -4.66 24.32 -13.59
C TRP A 134 -4.59 25.83 -13.73
N PRO A 135 -4.20 26.33 -14.92
CA PRO A 135 -4.24 27.76 -15.17
C PRO A 135 -5.62 28.33 -14.91
N SER A 136 -5.69 29.40 -14.11
CA SER A 136 -6.96 29.99 -13.69
C SER A 136 -6.96 31.50 -13.34
N GLN A 137 -5.77 32.11 -13.29
CA GLN A 137 -5.60 33.48 -12.86
C GLN A 137 -4.67 34.17 -13.85
N ILE A 138 -4.71 35.49 -13.89
CA ILE A 138 -3.83 36.24 -14.80
C ILE A 138 -2.35 35.86 -14.64
N TYR A 139 -1.95 35.57 -13.39
CA TYR A 139 -0.55 35.26 -13.08
C TYR A 139 -0.07 33.87 -13.51
N ASP A 140 -0.99 32.90 -13.67
CA ASP A 140 -0.65 31.55 -14.09
C ASP A 140 -1.43 31.02 -15.32
N ILE A 141 -2.14 31.89 -16.04
CA ILE A 141 -3.01 31.46 -17.15
C ILE A 141 -2.26 30.79 -18.32
N ARG A 142 -0.98 31.11 -18.47
CA ARG A 142 -0.16 30.56 -19.54
C ARG A 142 0.39 29.18 -19.17
N GLY A 143 0.24 28.76 -17.92
CA GLY A 143 0.73 27.46 -17.49
C GLY A 143 1.11 27.45 -16.01
N VAL A 144 0.72 26.37 -15.34
CA VAL A 144 1.14 26.02 -14.00
C VAL A 144 2.33 25.09 -14.20
N PHE A 145 3.52 25.67 -14.13
CA PHE A 145 4.78 24.98 -14.37
C PHE A 145 5.17 24.22 -13.10
N ASP A 146 6.36 23.62 -13.12
CA ASP A 146 6.88 22.80 -12.01
C ASP A 146 6.80 23.54 -10.66
N GLY A 147 6.55 22.78 -9.61
CA GLY A 147 6.61 23.30 -8.24
C GLY A 147 6.99 22.19 -7.29
N SER A 148 7.30 22.58 -6.05
CA SER A 148 7.67 21.66 -4.99
C SER A 148 6.94 21.97 -3.69
N ILE A 149 7.02 21.05 -2.75
CA ILE A 149 6.15 21.03 -1.59
C ILE A 149 6.85 21.53 -0.32
N ILE A 150 6.19 22.49 0.34
CA ILE A 150 6.47 22.84 1.72
C ILE A 150 5.57 21.91 2.55
N LYS A 151 6.16 20.98 3.29
CA LYS A 151 5.36 19.94 3.97
C LYS A 151 4.43 20.54 5.04
N GLU A 152 4.91 21.53 5.79
CA GLU A 152 4.10 22.25 6.77
C GLU A 152 4.08 23.73 6.45
N GLY A 153 3.06 24.15 5.70
CA GLY A 153 3.03 25.46 5.08
C GLY A 153 1.89 26.29 5.61
N ILE A 154 1.12 26.87 4.69
CA ILE A 154 -0.01 27.75 5.03
C ILE A 154 -0.99 27.03 5.96
N ASP A 155 -1.22 27.63 7.14
CA ASP A 155 -2.06 27.08 8.19
C ASP A 155 -1.68 25.64 8.56
N GLY A 156 -0.40 25.32 8.43
CA GLY A 156 0.12 23.97 8.68
C GLY A 156 -0.07 22.93 7.57
N TYR A 157 -0.76 23.28 6.48
CA TYR A 157 -1.08 22.32 5.42
C TYR A 157 0.06 22.17 4.40
N PRO A 158 0.11 21.02 3.70
CA PRO A 158 1.07 20.93 2.59
C PRO A 158 0.77 22.03 1.59
N THR A 159 1.83 22.65 1.09
CA THR A 159 1.74 23.86 0.31
C THR A 159 2.72 23.73 -0.82
N ILE A 160 2.28 24.06 -2.02
CA ILE A 160 3.11 23.98 -3.20
C ILE A 160 3.57 25.40 -3.55
N LEU A 161 4.86 25.54 -3.85
CA LEU A 161 5.41 26.75 -4.43
C LEU A 161 5.71 26.38 -5.87
N TYR A 162 5.06 27.05 -6.82
CA TYR A 162 5.16 26.68 -8.24
C TYR A 162 5.40 27.87 -9.12
N THR A 163 5.92 27.61 -10.31
CA THR A 163 6.07 28.68 -11.28
C THR A 163 4.75 28.96 -11.98
N SER A 164 4.21 30.15 -11.73
CA SER A 164 3.03 30.68 -12.37
C SER A 164 3.47 31.52 -13.56
N THR A 165 3.00 31.16 -14.76
CA THR A 165 3.41 31.83 -16.00
C THR A 165 2.25 32.63 -16.62
N SER A 166 2.58 33.79 -17.18
CA SER A 166 1.64 34.65 -17.87
C SER A 166 2.18 34.90 -19.29
N PHE A 167 1.71 35.97 -19.92
N PHE A 167 1.71 35.97 -19.93
CA PHE A 167 1.98 36.22 -21.32
CA PHE A 167 1.99 36.21 -21.37
C PHE A 167 3.40 36.68 -21.55
C PHE A 167 3.42 36.66 -21.55
N GLY A 168 3.85 36.58 -22.80
CA GLY A 168 5.14 37.14 -23.23
C GLY A 168 6.04 36.02 -23.71
N PRO A 169 7.10 36.38 -24.44
CA PRO A 169 8.08 35.38 -24.83
C PRO A 169 8.66 34.67 -23.59
N LEU A 170 8.75 33.35 -23.64
CA LEU A 170 9.21 32.55 -22.53
C LEU A 170 10.15 31.51 -23.09
N GLY A 171 11.43 31.60 -22.70
CA GLY A 171 12.44 30.63 -23.16
C GLY A 171 13.83 31.19 -23.07
N ALA A 172 14.80 30.28 -22.91
CA ALA A 172 16.22 30.62 -22.78
C ALA A 172 16.81 31.25 -24.04
N THR A 173 16.24 30.94 -25.21
CA THR A 173 16.70 31.52 -26.47
C THR A 173 15.85 32.71 -26.95
N LEU A 174 14.90 33.17 -26.14
CA LEU A 174 14.05 34.31 -26.49
C LEU A 174 14.37 35.46 -25.57
N ASN A 175 13.77 36.61 -25.83
CA ASN A 175 13.96 37.79 -24.98
C ASN A 175 12.85 37.88 -23.94
N GLU A 176 12.92 37.00 -22.94
CA GLU A 176 11.93 36.97 -21.86
C GLU A 176 12.03 38.24 -21.00
N ALA A 177 10.90 38.68 -20.49
CA ALA A 177 10.83 39.83 -19.59
C ALA A 177 10.26 39.42 -18.25
N GLU A 178 10.56 40.25 -17.26
CA GLU A 178 10.09 40.09 -15.91
C GLU A 178 8.55 40.03 -15.84
N GLY A 179 8.01 39.14 -15.01
CA GLY A 179 6.56 38.94 -14.89
C GLY A 179 6.01 37.72 -15.63
N THR A 180 6.63 37.37 -16.75
CA THR A 180 6.23 36.21 -17.52
C THR A 180 6.32 34.93 -16.68
N GLU A 181 7.39 34.79 -15.90
CA GLU A 181 7.51 33.71 -14.94
C GLU A 181 7.59 34.27 -13.53
N THR A 182 6.65 33.88 -12.67
CA THR A 182 6.64 34.24 -11.27
C THR A 182 6.44 32.98 -10.45
N GLN A 183 6.46 33.10 -9.13
CA GLN A 183 6.30 31.96 -8.26
C GLN A 183 5.16 32.19 -7.29
N SER A 184 4.32 31.17 -7.13
CA SER A 184 3.05 31.32 -6.44
C SER A 184 2.82 30.16 -5.50
N LEU A 185 1.92 30.37 -4.55
CA LEU A 185 1.59 29.39 -3.53
C LEU A 185 0.16 28.86 -3.61
N ALA A 186 0.00 27.59 -3.31
CA ALA A 186 -1.30 27.01 -3.09
C ALA A 186 -1.17 25.96 -2.02
N TYR A 187 -2.26 25.69 -1.30
CA TYR A 187 -2.22 24.71 -0.22
C TYR A 187 -3.39 23.73 -0.32
N THR A 188 -3.23 22.56 0.29
CA THR A 188 -4.26 21.53 0.25
C THR A 188 -4.75 21.16 1.62
N THR A 189 -6.07 21.15 1.79
CA THR A 189 -6.73 20.71 3.02
C THR A 189 -7.28 19.30 2.95
N ASP A 190 -7.06 18.62 1.83
CA ASP A 190 -7.59 17.27 1.63
C ASP A 190 -6.49 16.34 1.07
N ASP A 191 -5.27 16.58 1.51
CA ASP A 191 -4.03 15.86 1.11
C ASP A 191 -3.89 15.56 -0.40
N GLY A 192 -4.14 16.60 -1.19
CA GLY A 192 -3.81 16.57 -2.62
C GLY A 192 -4.98 16.36 -3.57
N ALA A 193 -6.19 16.11 -3.05
CA ALA A 193 -7.36 16.01 -3.93
C ALA A 193 -7.68 17.35 -4.58
N SER A 194 -7.41 18.45 -3.87
CA SER A 194 -7.57 19.81 -4.41
C SER A 194 -6.56 20.76 -3.78
N TRP A 195 -6.35 21.89 -4.45
CA TRP A 195 -5.44 22.94 -3.96
C TRP A 195 -6.16 24.29 -4.02
N ILE A 196 -5.92 25.11 -3.01
CA ILE A 196 -6.45 26.48 -2.95
C ILE A 196 -5.28 27.43 -3.12
N LYS A 197 -5.32 28.25 -4.16
CA LYS A 197 -4.26 29.25 -4.40
C LYS A 197 -4.49 30.44 -3.48
N LEU A 198 -3.43 31.09 -3.02
CA LEU A 198 -3.60 32.39 -2.37
C LEU A 198 -4.19 33.35 -3.39
N GLY A 199 -4.83 34.41 -2.93
CA GLY A 199 -5.41 35.42 -3.79
C GLY A 199 -4.36 36.13 -4.64
N TYR A 200 -4.78 36.75 -5.74
CA TYR A 200 -3.90 37.62 -6.51
C TYR A 200 -3.79 38.98 -5.83
N GLY A 201 -2.56 39.49 -5.69
CA GLY A 201 -2.37 40.87 -5.27
C GLY A 201 -1.17 41.11 -4.36
N ALA A 202 -1.09 42.34 -3.88
CA ALA A 202 -0.03 42.79 -2.96
C ALA A 202 -0.09 41.98 -1.68
N GLY A 203 1.08 41.48 -1.25
CA GLY A 203 1.17 40.60 -0.09
C GLY A 203 0.61 39.20 -0.29
N GLN A 204 0.26 38.84 -1.53
CA GLN A 204 -0.32 37.52 -1.83
C GLN A 204 0.35 36.98 -3.11
N ASN A 205 -0.37 36.23 -3.94
CA ASN A 205 0.24 35.70 -5.17
C ASN A 205 0.40 36.76 -6.27
N PRO A 206 1.43 36.64 -7.09
CA PRO A 206 2.58 35.76 -6.87
C PRO A 206 3.48 36.30 -5.75
N VAL A 207 4.15 35.39 -5.05
CA VAL A 207 4.99 35.74 -3.90
C VAL A 207 6.42 36.08 -4.28
N ILE A 208 6.91 35.54 -5.39
CA ILE A 208 8.22 35.91 -5.92
C ILE A 208 8.04 36.30 -7.37
N TYR A 209 8.41 37.54 -7.70
CA TYR A 209 8.26 38.08 -9.07
C TYR A 209 9.42 38.94 -9.58
N GLU A 210 10.19 39.56 -8.69
CA GLU A 210 11.35 40.34 -9.10
C GLU A 210 12.48 39.44 -9.56
N TRP A 211 13.02 39.71 -10.72
CA TRP A 211 14.23 39.04 -11.16
C TRP A 211 15.40 39.43 -10.25
N PRO A 212 16.17 38.44 -9.75
CA PRO A 212 17.32 38.77 -8.90
C PRO A 212 18.50 39.35 -9.69
N GLU A 213 18.58 39.11 -10.99
CA GLU A 213 19.62 39.70 -11.85
C GLU A 213 18.90 40.05 -13.15
N THR A 214 19.51 40.89 -13.98
CA THR A 214 18.90 41.26 -15.27
C THR A 214 19.17 40.20 -16.32
N ASN A 215 18.40 40.25 -17.41
CA ASN A 215 18.63 39.44 -18.60
C ASN A 215 18.65 37.93 -18.35
N LEU A 216 17.68 37.46 -17.56
CA LEU A 216 17.56 36.04 -17.28
C LEU A 216 17.16 35.26 -18.51
N THR A 217 17.72 34.07 -18.62
CA THR A 217 17.31 33.10 -19.61
C THR A 217 16.09 32.30 -19.13
N GLY A 218 15.85 32.30 -17.84
CA GLY A 218 14.71 31.57 -17.24
C GLY A 218 14.63 31.87 -15.77
N PHE A 219 13.47 31.59 -15.17
CA PHE A 219 13.21 31.91 -13.80
C PHE A 219 12.10 31.02 -13.27
N ARG A 220 12.42 29.76 -13.00
CA ARG A 220 11.38 28.79 -12.69
C ARG A 220 11.85 27.61 -11.88
N ASP A 221 10.86 26.77 -11.53
CA ASP A 221 11.06 25.48 -10.90
C ASP A 221 11.58 25.63 -9.47
N PRO A 222 10.80 26.34 -8.63
CA PRO A 222 11.21 26.57 -7.26
C PRO A 222 11.27 25.28 -6.49
N TYR A 223 12.41 25.05 -5.84
CA TYR A 223 12.67 23.83 -5.10
C TYR A 223 12.84 24.20 -3.64
N VAL A 224 11.85 23.83 -2.83
CA VAL A 224 11.84 24.19 -1.41
C VAL A 224 12.44 23.05 -0.61
N PHE A 225 13.30 23.39 0.35
CA PHE A 225 13.98 22.38 1.16
C PHE A 225 14.42 22.98 2.50
N GLN A 226 14.43 22.14 3.53
CA GLN A 226 15.09 22.49 4.79
C GLN A 226 16.51 21.99 4.68
N SER A 227 17.40 22.60 5.46
CA SER A 227 18.81 22.28 5.43
C SER A 227 19.48 22.74 6.72
N PRO A 228 19.57 21.84 7.71
CA PRO A 228 20.45 22.08 8.87
C PRO A 228 21.87 22.52 8.48
N ARG A 229 22.40 21.94 7.41
CA ARG A 229 23.68 22.34 6.84
C ARG A 229 23.75 23.82 6.52
N LEU A 230 22.85 24.29 5.66
CA LEU A 230 22.86 25.69 5.26
C LEU A 230 22.52 26.63 6.42
N GLU A 231 21.61 26.23 7.31
CA GLU A 231 21.29 27.02 8.50
C GLU A 231 22.53 27.23 9.39
N ALA A 232 23.30 26.17 9.62
CA ALA A 232 24.55 26.25 10.42
C ALA A 232 25.56 27.18 9.76
N LEU A 233 25.73 27.05 8.44
CA LEU A 233 26.67 27.91 7.70
C LEU A 233 26.30 29.38 7.67
N LEU A 234 25.00 29.69 7.68
CA LEU A 234 24.52 31.07 7.56
C LEU A 234 24.25 31.74 8.91
N ALA A 235 24.30 30.98 9.99
CA ALA A 235 23.88 31.46 11.33
C ALA A 235 24.63 32.73 11.78
N ASN A 236 25.89 32.89 11.39
CA ASN A 236 26.64 34.11 11.70
C ASN A 236 26.46 35.28 10.76
N THR A 237 25.60 35.14 9.75
CA THR A 237 25.37 36.18 8.76
C THR A 237 23.94 36.71 8.74
N THR A 238 23.06 36.21 9.60
CA THR A 238 21.64 36.53 9.50
C THR A 238 21.30 37.99 9.82
N SER A 239 22.19 38.71 10.51
CA SER A 239 21.98 40.13 10.75
C SER A 239 22.23 40.95 9.47
N ILE A 240 23.00 40.42 8.51
CA ILE A 240 23.23 41.11 7.23
C ILE A 240 21.97 41.06 6.33
N THR A 241 21.30 39.91 6.30
CA THR A 241 20.16 39.69 5.40
C THR A 241 18.80 39.72 6.07
N ASN A 242 18.76 39.51 7.39
CA ASN A 242 17.51 39.34 8.17
C ASN A 242 16.64 38.14 7.82
N ALA A 243 17.16 37.22 7.00
CA ALA A 243 16.43 36.02 6.62
C ALA A 243 16.78 34.91 7.60
N THR A 244 15.80 34.49 8.38
CA THR A 244 15.99 33.52 9.45
C THR A 244 15.03 32.36 9.40
N GLY A 245 14.29 32.19 8.30
CA GLY A 245 13.35 31.08 8.19
C GLY A 245 14.04 29.73 8.07
N ASP A 246 13.28 28.68 8.33
CA ASP A 246 13.77 27.32 8.25
C ASP A 246 13.59 26.64 6.86
N HIS A 247 13.05 27.36 5.87
CA HIS A 247 12.98 26.86 4.48
C HIS A 247 13.85 27.67 3.52
N PHE A 248 14.54 26.95 2.63
CA PHE A 248 15.27 27.55 1.52
C PHE A 248 14.51 27.21 0.24
N ALA A 249 14.76 27.98 -0.81
CA ALA A 249 14.26 27.65 -2.12
C ALA A 249 15.25 28.06 -3.19
N THR A 250 15.51 27.16 -4.14
CA THR A 250 16.25 27.54 -5.32
C THR A 250 15.29 27.81 -6.47
N ILE A 251 15.71 28.71 -7.36
CA ILE A 251 15.01 28.95 -8.62
C ILE A 251 16.04 28.78 -9.73
N SER A 252 15.64 28.04 -10.77
CA SER A 252 16.50 27.65 -11.86
C SER A 252 16.44 28.64 -12.99
N GLY A 253 17.60 28.98 -13.53
CA GLY A 253 17.66 29.89 -14.64
C GLY A 253 19.06 30.05 -15.22
N GLY A 254 19.39 31.30 -15.55
CA GLY A 254 20.67 31.63 -16.17
C GLY A 254 20.64 33.07 -16.62
N VAL A 255 21.71 33.52 -17.27
CA VAL A 255 21.87 34.91 -17.70
C VAL A 255 22.30 34.89 -19.16
N HIS A 256 21.63 35.67 -20.00
CA HIS A 256 21.87 35.66 -21.45
C HIS A 256 23.34 35.90 -21.75
N GLY A 257 23.92 35.02 -22.55
CA GLY A 257 25.32 35.12 -22.94
C GLY A 257 26.33 34.62 -21.91
N ASP A 258 25.90 34.34 -20.68
CA ASP A 258 26.85 34.12 -19.58
C ASP A 258 26.59 32.87 -18.72
N GLY A 259 25.83 31.91 -19.25
CA GLY A 259 25.67 30.61 -18.59
C GLY A 259 24.52 30.51 -17.60
N ALA A 260 24.35 29.29 -17.10
CA ALA A 260 23.26 28.97 -16.17
C ALA A 260 23.50 29.47 -14.76
N ARG A 261 22.42 29.60 -14.00
CA ARG A 261 22.43 30.02 -12.61
C ARG A 261 21.38 29.24 -11.83
N LEU A 262 21.74 28.83 -10.61
CA LEU A 262 20.76 28.39 -9.64
C LEU A 262 20.74 29.45 -8.53
N PHE A 263 19.60 30.12 -8.37
CA PHE A 263 19.47 31.23 -7.43
C PHE A 263 18.94 30.73 -6.09
N LEU A 264 19.58 31.16 -4.98
CA LEU A 264 19.18 30.70 -3.65
C LEU A 264 18.39 31.77 -2.91
N TYR A 265 17.24 31.36 -2.37
CA TYR A 265 16.38 32.20 -1.56
C TYR A 265 16.27 31.56 -0.20
N ARG A 266 15.98 32.38 0.81
CA ARG A 266 15.65 31.87 2.12
C ARG A 266 14.37 32.51 2.58
N GLN A 267 13.48 31.70 3.13
CA GLN A 267 12.28 32.15 3.79
C GLN A 267 12.65 33.18 4.83
N HIS A 268 12.00 34.35 4.80
CA HIS A 268 12.42 35.46 5.63
C HIS A 268 12.17 35.21 7.11
N THR A 269 11.00 34.64 7.42
CA THR A 269 10.60 34.42 8.79
C THR A 269 9.93 33.07 8.94
N THR A 270 10.34 32.31 9.94
CA THR A 270 9.73 31.02 10.23
C THR A 270 8.22 31.15 10.39
N GLY A 271 7.49 30.20 9.83
CA GLY A 271 6.03 30.15 9.94
C GLY A 271 5.29 31.12 9.02
N GLU A 272 6.03 31.85 8.18
CA GLU A 272 5.41 32.80 7.27
C GLU A 272 5.97 32.56 5.87
N PHE A 273 5.07 32.57 4.88
CA PHE A 273 5.39 32.04 3.54
C PHE A 273 5.26 33.03 2.38
N ILE A 274 5.03 34.30 2.68
CA ILE A 274 4.95 35.32 1.64
C ILE A 274 6.32 35.85 1.24
N LYS A 275 7.16 36.15 2.23
CA LYS A 275 8.44 36.81 1.96
C LYS A 275 9.59 35.80 1.86
N TRP A 276 10.28 35.81 0.72
CA TRP A 276 11.42 34.95 0.47
C TRP A 276 12.53 35.89 0.07
N THR A 277 13.65 35.83 0.79
CA THR A 277 14.74 36.78 0.57
C THR A 277 15.78 36.15 -0.33
N TYR A 278 16.14 36.87 -1.40
CA TYR A 278 17.18 36.41 -2.31
C TYR A 278 18.54 36.57 -1.63
N LEU A 279 19.30 35.48 -1.56
CA LEU A 279 20.63 35.52 -0.95
C LEU A 279 21.68 35.76 -2.00
N GLY A 280 21.67 34.93 -3.04
CA GLY A 280 22.63 35.05 -4.13
C GLY A 280 22.64 33.80 -4.98
N PRO A 281 23.46 33.79 -6.06
CA PRO A 281 23.60 32.59 -6.89
C PRO A 281 24.29 31.47 -6.13
N LEU A 282 23.65 30.30 -6.10
CA LEU A 282 24.20 29.12 -5.45
C LEU A 282 25.15 28.41 -6.39
N VAL A 283 24.71 28.18 -7.62
CA VAL A 283 25.54 27.56 -8.65
C VAL A 283 25.63 28.51 -9.83
N THR A 284 26.86 28.76 -10.29
CA THR A 284 27.14 29.58 -11.45
C THR A 284 28.02 28.75 -12.35
N THR A 285 27.57 28.52 -13.58
CA THR A 285 28.38 27.81 -14.58
C THR A 285 28.51 28.67 -15.83
N GLY A 286 29.45 28.29 -16.68
CA GLY A 286 29.80 29.05 -17.88
C GLY A 286 28.94 28.71 -19.08
N TYR A 287 28.84 29.67 -20.01
CA TYR A 287 28.11 29.50 -21.25
C TYR A 287 28.59 28.26 -22.02
N LYS A 288 27.76 27.22 -22.03
CA LYS A 288 28.10 25.92 -22.64
C LYS A 288 29.42 25.32 -22.13
N GLU A 289 29.76 25.58 -20.88
CA GLU A 289 30.90 24.97 -20.20
C GLU A 289 30.65 23.48 -20.02
N SER A 290 31.69 22.67 -20.14
CA SER A 290 31.63 21.25 -19.85
C SER A 290 32.76 20.88 -18.89
N TYR A 291 32.43 20.10 -17.86
CA TYR A 291 33.45 19.58 -16.94
C TYR A 291 34.16 18.36 -17.54
N GLY A 292 33.67 17.83 -18.67
CA GLY A 292 34.36 16.77 -19.40
C GLY A 292 33.43 15.69 -19.90
N GLU A 293 34.04 14.61 -20.39
CA GLU A 293 33.36 13.50 -21.05
C GLU A 293 32.40 12.73 -20.14
N TRP A 294 32.62 12.78 -18.83
CA TRP A 294 31.81 12.06 -17.87
C TRP A 294 30.69 12.93 -17.26
N SER A 295 30.54 14.15 -17.76
CA SER A 295 29.79 15.18 -17.05
C SER A 295 28.78 15.97 -17.90
N GLY A 296 28.49 15.53 -19.12
CA GLY A 296 27.61 16.27 -20.02
C GLY A 296 28.09 17.69 -20.27
N ASN A 297 27.16 18.62 -20.33
CA ASN A 297 27.44 20.01 -20.63
C ASN A 297 26.46 20.90 -19.86
N TYR A 298 26.96 21.99 -19.30
CA TYR A 298 26.15 22.88 -18.47
C TYR A 298 25.24 23.83 -19.24
N GLY A 299 25.34 23.85 -20.57
CA GLY A 299 24.42 24.60 -21.42
C GLY A 299 24.33 26.08 -21.09
N ILE A 300 23.14 26.64 -21.30
CA ILE A 300 22.89 28.07 -21.14
C ILE A 300 21.86 28.40 -20.07
N ASN A 301 21.20 27.38 -19.52
CA ASN A 301 20.07 27.61 -18.64
C ASN A 301 19.78 26.33 -17.86
N PHE A 302 19.49 26.46 -16.57
CA PHE A 302 19.08 25.33 -15.75
C PHE A 302 17.56 25.21 -15.67
N GLU A 303 17.10 23.98 -15.57
CA GLU A 303 15.72 23.65 -15.25
C GLU A 303 15.66 22.58 -14.16
N THR A 304 14.54 22.59 -13.44
CA THR A 304 14.16 21.58 -12.43
C THR A 304 15.29 21.23 -11.46
N ALA A 305 16.06 22.23 -11.05
CA ALA A 305 17.19 21.97 -10.15
C ALA A 305 16.72 21.74 -8.73
N GLY A 306 17.40 20.84 -8.02
CA GLY A 306 17.16 20.57 -6.61
C GLY A 306 18.47 20.46 -5.84
N VAL A 307 18.33 20.47 -4.52
CA VAL A 307 19.47 20.45 -3.58
C VAL A 307 19.18 19.39 -2.54
N THR A 308 20.14 18.49 -2.29
CA THR A 308 20.00 17.49 -1.26
C THR A 308 21.36 17.25 -0.57
N ARG A 309 21.33 16.41 0.45
CA ARG A 309 22.53 16.02 1.21
C ARG A 309 22.35 14.54 1.50
N LEU A 310 23.36 13.75 1.16
CA LEU A 310 23.27 12.31 1.22
C LEU A 310 24.47 11.75 1.98
N ASN A 311 24.30 10.52 2.48
CA ASN A 311 25.40 9.75 3.04
C ASN A 311 25.28 8.34 2.49
N PRO A 312 26.14 7.40 2.92
CA PRO A 312 26.05 6.07 2.30
C PRO A 312 24.74 5.33 2.51
N ALA A 313 23.95 5.68 3.51
CA ALA A 313 22.67 5.00 3.78
C ALA A 313 21.46 5.67 3.11
N GLY A 314 21.60 6.89 2.58
CA GLY A 314 20.47 7.61 2.00
C GLY A 314 20.56 9.09 2.25
N ALA A 315 19.48 9.67 2.76
CA ALA A 315 19.42 11.11 3.03
C ALA A 315 20.13 11.43 4.34
N ALA A 316 20.81 12.58 4.37
CA ALA A 316 21.55 13.03 5.55
C ALA A 316 20.95 14.33 6.03
N TRP A 317 20.57 14.39 7.30
CA TRP A 317 19.99 15.60 7.90
C TRP A 317 20.87 16.24 9.00
N ASP A 318 22.16 15.95 8.96
CA ASP A 318 23.14 16.57 9.86
C ASP A 318 23.48 18.00 9.42
N ASN A 319 24.09 18.75 10.33
CA ASN A 319 24.48 20.15 10.09
C ASN A 319 25.86 20.36 9.48
N GLY A 320 26.51 19.27 9.05
CA GLY A 320 27.92 19.32 8.63
C GLY A 320 28.79 18.34 9.40
N SER A 321 28.33 17.91 10.58
CA SER A 321 29.08 17.01 11.47
C SER A 321 29.29 15.58 10.96
N ASP A 322 28.42 15.10 10.06
CA ASP A 322 28.61 13.77 9.49
C ASP A 322 29.63 13.89 8.37
N THR A 323 30.83 13.34 8.61
CA THR A 323 31.94 13.42 7.66
C THR A 323 31.75 12.51 6.46
N THR A 324 30.83 11.54 6.54
CA THR A 324 30.49 10.68 5.41
C THR A 324 29.45 11.31 4.45
N ALA A 325 28.83 12.42 4.86
CA ALA A 325 27.77 13.07 4.07
C ALA A 325 28.32 14.02 3.01
N VAL A 326 27.61 14.12 1.89
CA VAL A 326 28.02 14.93 0.76
C VAL A 326 26.83 15.75 0.27
N ASP A 327 27.07 17.03 -0.01
CA ASP A 327 26.06 17.94 -0.57
C ASP A 327 26.00 17.76 -2.09
N PHE A 328 24.78 17.64 -2.63
CA PHE A 328 24.56 17.44 -4.06
C PHE A 328 23.52 18.42 -4.60
N VAL A 329 23.72 18.81 -5.86
CA VAL A 329 22.73 19.54 -6.62
C VAL A 329 22.42 18.67 -7.84
N THR A 330 21.14 18.57 -8.19
CA THR A 330 20.69 17.89 -9.41
C THR A 330 20.03 18.95 -10.27
N PHE A 331 20.21 18.86 -11.59
CA PHE A 331 19.74 19.93 -12.47
C PHE A 331 19.74 19.49 -13.93
N GLY A 332 18.74 19.97 -14.66
CA GLY A 332 18.71 19.85 -16.11
C GLY A 332 19.39 21.05 -16.73
N THR A 333 20.03 20.83 -17.88
CA THR A 333 20.61 21.94 -18.64
C THR A 333 20.05 21.94 -20.07
N GLU A 334 19.96 23.13 -20.64
CA GLU A 334 19.43 23.34 -21.98
C GLU A 334 20.51 23.88 -22.92
N GLN A 335 20.44 23.42 -24.16
CA GLN A 335 21.24 23.94 -25.29
C GLN A 335 22.72 23.67 -25.20
N GLY A 336 23.11 22.64 -24.42
CA GLY A 336 24.49 22.17 -24.36
C GLY A 336 24.64 20.79 -24.98
N ARG A 337 23.69 20.40 -25.84
CA ARG A 337 23.65 19.06 -26.39
C ARG A 337 22.99 19.13 -27.77
N ALA A 338 23.53 18.35 -28.71
CA ALA A 338 23.09 18.38 -30.12
C ALA A 338 21.86 17.52 -30.39
N ASP A 339 21.52 16.64 -29.46
CA ASP A 339 20.38 15.73 -29.61
C ASP A 339 19.73 15.58 -28.21
N HIS A 340 18.86 14.58 -28.02
CA HIS A 340 18.12 14.39 -26.77
C HIS A 340 17.42 15.70 -26.36
N GLN A 341 16.75 16.30 -27.34
CA GLN A 341 16.02 17.56 -27.19
C GLN A 341 16.86 18.66 -26.54
N ASN A 342 18.16 18.64 -26.85
CA ASN A 342 19.16 19.57 -26.29
C ASN A 342 19.27 19.62 -24.75
N HIS A 343 18.98 18.48 -24.11
CA HIS A 343 18.78 18.41 -22.65
C HIS A 343 19.67 17.39 -21.98
N TRP A 344 20.37 17.82 -20.92
CA TRP A 344 21.17 16.94 -20.06
C TRP A 344 20.56 16.97 -18.65
N PRO A 345 20.22 15.80 -18.09
CA PRO A 345 19.91 15.71 -16.66
C PRO A 345 21.18 15.36 -15.88
N LEU A 346 21.68 16.33 -15.11
CA LEU A 346 22.98 16.25 -14.48
C LEU A 346 22.88 16.29 -12.96
N TRP A 347 24.01 16.03 -12.32
CA TRP A 347 24.17 16.22 -10.89
C TRP A 347 25.62 16.63 -10.58
N ALA A 348 25.80 17.27 -9.43
CA ALA A 348 27.13 17.68 -8.99
C ALA A 348 27.25 17.55 -7.49
N ALA A 349 28.39 17.03 -7.03
CA ALA A 349 28.76 17.11 -5.62
C ALA A 349 29.37 18.48 -5.41
N VAL A 350 28.99 19.16 -4.34
CA VAL A 350 29.43 20.55 -4.14
C VAL A 350 29.98 20.77 -2.75
N ASP A 351 30.89 21.75 -2.63
CA ASP A 351 31.37 22.24 -1.33
C ASP A 351 30.86 23.66 -1.12
N TYR A 352 30.11 23.89 -0.04
CA TYR A 352 29.55 25.20 0.21
C TYR A 352 30.57 26.15 0.83
N GLU A 353 30.57 27.41 0.38
CA GLU A 353 31.36 28.48 0.97
C GLU A 353 30.42 29.63 1.30
N VAL A 354 30.66 30.29 2.42
CA VAL A 354 29.84 31.42 2.85
C VAL A 354 30.46 32.71 2.30
N ARG A 355 29.68 33.49 1.56
CA ARG A 355 30.12 34.77 1.03
C ARG A 355 29.97 35.85 2.11
N ASP A 356 30.65 36.97 1.90
CA ASP A 356 30.57 38.13 2.84
C ASP A 356 29.16 38.71 2.99
N ASN A 357 28.36 38.70 1.92
CA ASN A 357 26.99 39.21 1.97
C ASN A 357 25.92 38.26 2.55
N GLY A 358 26.34 37.17 3.19
CA GLY A 358 25.42 36.24 3.82
C GLY A 358 24.71 35.33 2.82
N SER A 359 25.41 34.96 1.75
CA SER A 359 24.92 34.02 0.74
C SER A 359 25.87 32.82 0.66
N ILE A 360 25.55 31.84 -0.19
CA ILE A 360 26.29 30.59 -0.29
C ILE A 360 26.73 30.38 -1.73
N GLU A 361 28.01 30.08 -1.93
CA GLU A 361 28.50 29.60 -3.20
C GLU A 361 28.68 28.08 -3.11
N ALA A 362 28.07 27.36 -4.04
CA ALA A 362 28.25 25.92 -4.15
C ALA A 362 29.31 25.68 -5.21
N VAL A 363 30.50 25.27 -4.76
CA VAL A 363 31.62 25.04 -5.63
C VAL A 363 31.57 23.56 -6.04
N ILE A 364 31.56 23.30 -7.34
CA ILE A 364 31.45 21.94 -7.85
C ILE A 364 32.76 21.17 -7.59
N ALA A 365 32.64 20.05 -6.87
CA ALA A 365 33.80 19.18 -6.56
C ALA A 365 33.95 18.08 -7.60
N TYR A 366 32.83 17.50 -8.01
CA TYR A 366 32.79 16.58 -9.13
C TYR A 366 31.36 16.57 -9.69
N SER A 367 31.19 16.08 -10.91
CA SER A 367 29.97 16.38 -11.68
C SER A 367 29.67 15.23 -12.61
N GLY A 368 28.44 14.74 -12.54
CA GLY A 368 28.02 13.57 -13.33
C GLY A 368 26.68 13.75 -14.04
N VAL A 369 26.17 12.63 -14.54
CA VAL A 369 24.97 12.55 -15.33
C VAL A 369 23.99 11.66 -14.58
N GLN A 370 22.76 12.14 -14.42
CA GLN A 370 21.73 11.36 -13.70
C GLN A 370 21.15 10.25 -14.59
N ASP A 371 21.06 10.51 -15.89
CA ASP A 371 20.57 9.51 -16.85
C ASP A 371 21.09 9.94 -18.22
N TRP A 372 21.63 8.98 -18.97
CA TRP A 372 22.32 9.28 -20.25
C TRP A 372 21.40 9.22 -21.48
N GLY A 373 20.13 8.82 -21.30
CA GLY A 373 19.23 8.64 -22.43
C GLY A 373 18.14 9.69 -22.56
N ARG A 374 16.97 9.25 -23.03
CA ARG A 374 15.84 10.13 -23.33
C ARG A 374 15.00 10.42 -22.09
N SER A 375 15.65 10.96 -21.06
CA SER A 375 14.96 11.39 -19.85
C SER A 375 15.49 12.72 -19.40
N TYR A 376 14.69 13.40 -18.58
CA TYR A 376 14.96 14.78 -18.17
C TYR A 376 14.01 15.12 -17.02
N ALA A 377 14.25 16.26 -16.39
CA ALA A 377 13.34 16.85 -15.41
C ALA A 377 13.21 15.97 -14.17
N TYR A 378 14.35 15.52 -13.66
CA TYR A 378 14.38 14.76 -12.43
C TYR A 378 14.02 15.65 -11.22
N ALA A 379 13.16 15.12 -10.35
CA ALA A 379 12.84 15.75 -9.07
C ALA A 379 13.18 14.76 -7.96
N SER A 380 13.65 15.27 -6.82
CA SER A 380 13.87 14.41 -5.66
C SER A 380 13.14 14.97 -4.45
N PHE A 381 12.77 14.09 -3.55
CA PHE A 381 12.01 14.48 -2.39
C PHE A 381 12.31 13.53 -1.22
N PRO A 382 12.11 14.02 0.02
CA PRO A 382 12.44 13.20 1.18
C PRO A 382 11.35 12.22 1.51
N VAL A 383 11.76 11.05 1.95
CA VAL A 383 10.85 9.95 2.31
C VAL A 383 11.30 9.41 3.68
N GLU A 384 10.32 8.96 4.48
CA GLU A 384 10.56 8.41 5.83
C GLU A 384 11.66 7.37 5.83
N GLY A 385 12.44 7.34 6.91
CA GLY A 385 13.54 6.38 7.06
C GLY A 385 14.81 6.88 6.41
N TYR A 386 15.00 8.19 6.43
CA TYR A 386 16.20 8.84 5.92
C TYR A 386 16.48 8.48 4.44
N ARG A 387 15.46 8.67 3.60
CA ARG A 387 15.58 8.43 2.17
C ARG A 387 15.38 9.71 1.39
N GLN A 388 16.08 9.79 0.24
CA GLN A 388 15.83 10.82 -0.75
C GLN A 388 15.54 10.06 -2.06
N VAL A 389 14.34 10.28 -2.61
CA VAL A 389 13.88 9.51 -3.76
C VAL A 389 13.77 10.43 -4.96
N SER A 390 14.27 9.97 -6.11
CA SER A 390 14.36 10.77 -7.33
C SER A 390 13.57 10.08 -8.44
N VAL A 391 12.88 10.87 -9.26
CA VAL A 391 12.14 10.34 -10.40
C VAL A 391 12.17 11.38 -11.51
N GLY A 392 12.19 10.90 -12.75
CA GLY A 392 12.28 11.77 -13.93
C GLY A 392 11.20 11.46 -14.95
N TRP A 393 11.30 12.14 -16.10
CA TRP A 393 10.37 11.98 -17.21
C TRP A 393 11.10 11.40 -18.40
N ILE A 394 10.55 10.33 -18.98
CA ILE A 394 11.06 9.70 -20.19
C ILE A 394 10.17 10.16 -21.33
N TYR A 395 10.75 10.92 -22.26
CA TYR A 395 10.02 11.38 -23.45
C TYR A 395 9.98 10.25 -24.50
N GLU A 396 9.08 10.39 -25.48
CA GLU A 396 8.99 9.43 -26.57
C GLU A 396 10.19 9.66 -27.53
N ASP A 397 10.34 8.79 -28.54
CA ASP A 397 11.33 9.04 -29.62
C ASP A 397 10.60 9.21 -30.95
N ASP A 398 9.80 10.26 -31.01
CA ASP A 398 8.99 10.59 -32.17
C ASP A 398 9.00 12.11 -32.28
N ASP A 399 10.19 12.68 -32.40
CA ASP A 399 10.35 14.14 -32.31
C ASP A 399 9.67 14.94 -33.42
N ASN A 400 9.36 14.30 -34.55
CA ASN A 400 8.57 14.96 -35.62
C ASN A 400 7.06 14.76 -35.48
N VAL A 401 6.61 14.11 -34.40
CA VAL A 401 5.19 14.01 -34.06
C VAL A 401 4.41 13.29 -35.16
N ILE A 402 4.99 12.20 -35.66
CA ILE A 402 4.40 11.45 -36.78
C ILE A 402 3.26 10.53 -36.32
N LEU A 403 3.44 9.84 -35.19
CA LEU A 403 2.43 8.90 -34.69
C LEU A 403 1.83 9.27 -33.32
N ALA A 404 2.09 10.51 -32.87
CA ALA A 404 1.62 10.96 -31.55
C ALA A 404 0.10 10.85 -31.41
N LYS A 405 -0.62 11.34 -32.41
CA LYS A 405 -2.08 11.28 -32.38
C LYS A 405 -2.60 9.85 -32.38
N GLN A 406 -1.94 8.99 -33.14
CA GLN A 406 -2.27 7.57 -33.17
C GLN A 406 -2.01 6.89 -31.81
N PHE A 407 -0.92 7.28 -31.13
CA PHE A 407 -0.72 6.84 -29.75
C PHE A 407 -1.89 7.29 -28.86
N GLY A 408 -2.24 8.57 -28.94
CA GLY A 408 -3.20 9.17 -28.02
C GLY A 408 -2.62 9.54 -26.64
N TYR A 409 -1.29 9.50 -26.52
CA TYR A 409 -0.58 9.92 -25.30
C TYR A 409 0.89 10.15 -25.66
N GLN A 410 1.59 10.89 -24.82
CA GLN A 410 3.05 11.05 -24.89
C GLN A 410 3.62 11.08 -23.47
N GLY A 411 4.66 10.30 -23.23
CA GLY A 411 5.50 10.42 -22.04
C GLY A 411 5.20 9.43 -20.95
N ALA A 412 6.20 9.18 -20.11
CA ALA A 412 6.03 8.40 -18.88
C ALA A 412 7.06 8.87 -17.86
N PHE A 413 6.96 8.39 -16.64
CA PHE A 413 8.05 8.59 -15.67
C PHE A 413 9.11 7.51 -15.84
N THR A 414 10.29 7.78 -15.27
CA THR A 414 11.27 6.74 -14.97
C THR A 414 10.74 5.94 -13.80
N LEU A 415 11.50 4.96 -13.37
CA LEU A 415 11.25 4.33 -12.08
C LEU A 415 11.72 5.28 -10.98
N PHE A 416 11.20 5.05 -9.77
CA PHE A 416 11.59 5.85 -8.60
C PHE A 416 12.90 5.28 -8.07
N ARG A 417 13.84 6.16 -7.75
CA ARG A 417 15.20 5.76 -7.43
C ARG A 417 15.61 6.30 -6.06
N ASP A 418 16.12 5.42 -5.21
CA ASP A 418 16.79 5.89 -4.00
C ASP A 418 18.14 6.48 -4.38
N LEU A 419 18.41 7.67 -3.87
CA LEU A 419 19.72 8.29 -3.93
C LEU A 419 20.50 8.00 -2.63
N PHE A 420 21.82 7.89 -2.77
CA PHE A 420 22.72 7.65 -1.64
C PHE A 420 24.16 7.93 -2.13
N VAL A 421 25.11 7.96 -1.20
CA VAL A 421 26.52 8.08 -1.54
C VAL A 421 27.03 6.67 -1.76
N LYS A 422 27.38 6.35 -3.00
CA LYS A 422 28.01 5.08 -3.31
C LYS A 422 29.48 5.13 -2.89
N VAL A 423 29.90 4.15 -2.10
CA VAL A 423 31.26 4.02 -1.59
C VAL A 423 31.83 2.71 -2.11
N VAL A 424 32.99 2.78 -2.79
CA VAL A 424 33.70 1.58 -3.24
C VAL A 424 35.07 1.56 -2.58
N GLU A 425 35.29 0.57 -1.72
CA GLU A 425 36.56 0.41 -0.99
C GLU A 425 37.53 -0.46 -1.77
N ASN A 426 38.81 -0.35 -1.40
CA ASN A 426 39.87 -1.22 -1.93
C ASN A 426 40.03 -1.16 -3.43
N VAL A 427 39.88 0.04 -3.97
CA VAL A 427 40.03 0.24 -5.42
C VAL A 427 41.52 0.33 -5.74
N SER A 428 41.91 -0.38 -6.79
CA SER A 428 43.28 -0.41 -7.27
C SER A 428 43.64 0.93 -7.88
N PRO A 429 44.77 1.52 -7.46
CA PRO A 429 45.27 2.74 -8.11
C PRO A 429 45.61 2.61 -9.59
N SER A 430 45.75 1.41 -10.13
CA SER A 430 45.96 1.23 -11.57
C SER A 430 44.66 1.13 -12.40
N THR A 431 43.49 1.31 -11.77
CA THR A 431 42.24 1.51 -12.52
C THR A 431 42.45 2.63 -13.56
N PRO A 432 42.28 2.34 -14.86
CA PRO A 432 42.52 3.39 -15.86
C PRO A 432 41.69 4.67 -15.61
N GLY A 433 42.33 5.83 -15.76
CA GLY A 433 41.69 7.12 -15.57
C GLY A 433 41.13 7.46 -14.20
N LEU A 434 41.54 6.73 -13.16
CA LEU A 434 40.93 6.87 -11.84
C LEU A 434 41.09 8.27 -11.26
N PHE A 435 42.24 8.91 -11.46
CA PHE A 435 42.54 10.17 -10.76
C PHE A 435 42.12 11.42 -11.51
N GLU A 436 41.52 11.27 -12.69
CA GLU A 436 40.78 12.38 -13.28
C GLU A 436 39.69 12.86 -12.25
N GLN A 437 39.16 11.93 -11.42
CA GLN A 437 38.10 12.22 -10.45
C GLN A 437 36.94 13.01 -11.11
N ALA A 438 36.48 12.48 -12.22
CA ALA A 438 35.53 13.24 -13.09
C ALA A 438 34.12 13.37 -12.45
N SER A 439 33.41 12.25 -12.34
CA SER A 439 32.11 12.18 -11.65
C SER A 439 32.22 11.35 -10.36
N TRP A 440 33.41 11.35 -9.75
CA TRP A 440 33.68 10.65 -8.50
C TRP A 440 34.83 11.32 -7.77
N SER A 441 34.99 10.97 -6.51
CA SER A 441 36.07 11.44 -5.66
C SER A 441 36.95 10.24 -5.27
N THR A 442 38.26 10.49 -5.05
CA THR A 442 39.19 9.44 -4.57
C THR A 442 39.83 9.88 -3.27
N LYS A 443 39.97 8.95 -2.33
CA LYS A 443 40.69 9.18 -1.09
C LYS A 443 41.69 8.03 -0.94
N ASN A 444 42.98 8.35 -1.04
CA ASN A 444 44.04 7.36 -0.88
C ASN A 444 44.07 6.76 0.52
N SER A 445 44.40 5.47 0.62
CA SER A 445 44.80 4.88 1.90
C SER A 445 46.09 5.52 2.39
N THR A 446 46.41 5.34 3.67
CA THR A 446 47.63 5.90 4.26
C THR A 446 48.91 5.45 3.54
N ASP A 447 48.96 4.18 3.19
CA ASP A 447 50.13 3.62 2.46
C ASP A 447 50.15 3.87 0.94
N GLY A 448 49.11 4.50 0.39
CA GLY A 448 49.04 4.78 -1.05
C GLY A 448 48.71 3.60 -1.98
N MET A 449 48.45 2.42 -1.40
CA MET A 449 48.24 1.19 -2.19
C MET A 449 46.77 0.86 -2.54
N SER A 450 45.82 1.57 -1.92
CA SER A 450 44.42 1.48 -2.32
C SER A 450 43.70 2.82 -2.21
N VAL A 451 42.53 2.88 -2.83
CA VAL A 451 41.72 4.10 -2.90
C VAL A 451 40.28 3.76 -2.50
N THR A 452 39.62 4.71 -1.83
CA THR A 452 38.19 4.65 -1.59
C THR A 452 37.55 5.63 -2.57
N VAL A 453 36.65 5.10 -3.41
CA VAL A 453 35.92 5.90 -4.38
C VAL A 453 34.56 6.27 -3.79
N THR A 454 34.17 7.52 -3.98
CA THR A 454 32.85 8.04 -3.60
C THR A 454 32.17 8.67 -4.84
N THR A 455 30.89 8.38 -5.03
CA THR A 455 30.08 9.00 -6.10
C THR A 455 28.59 8.99 -5.73
N LEU A 456 27.75 9.52 -6.62
CA LEU A 456 26.29 9.45 -6.43
C LEU A 456 25.83 8.06 -6.78
N GLY A 457 25.17 7.39 -5.83
CA GLY A 457 24.50 6.12 -6.10
C GLY A 457 23.02 6.35 -6.46
N GLN A 458 22.52 5.53 -7.38
CA GLN A 458 21.09 5.47 -7.72
C GLN A 458 20.68 4.04 -7.81
N ARG A 459 19.61 3.67 -7.14
CA ARG A 459 19.04 2.32 -7.30
C ARG A 459 17.52 2.40 -7.22
N VAL A 460 16.86 1.54 -7.99
CA VAL A 460 15.41 1.50 -8.01
C VAL A 460 14.93 1.18 -6.60
N VAL A 461 13.92 1.91 -6.13
CA VAL A 461 13.37 1.72 -4.79
C VAL A 461 12.99 0.25 -4.54
N PRO A 462 13.34 -0.27 -3.35
CA PRO A 462 13.17 -1.72 -3.13
C PRO A 462 11.71 -2.18 -3.18
N GLU A 463 10.77 -1.29 -2.87
CA GLU A 463 9.34 -1.62 -2.94
C GLU A 463 8.97 -2.05 -4.36
N THR A 464 9.54 -1.37 -5.36
CA THR A 464 9.28 -1.69 -6.76
C THR A 464 9.94 -3.00 -7.17
N LEU A 465 11.21 -3.19 -6.79
CA LEU A 465 11.92 -4.42 -7.13
C LEU A 465 11.22 -5.64 -6.54
N ALA A 466 10.82 -5.53 -5.27
CA ALA A 466 10.07 -6.62 -4.60
C ALA A 466 8.73 -6.89 -5.29
N ALA A 467 7.96 -5.84 -5.58
CA ALA A 467 6.66 -6.01 -6.24
C ALA A 467 6.81 -6.60 -7.63
N TYR A 468 7.78 -6.10 -8.40
CA TYR A 468 8.08 -6.63 -9.73
C TYR A 468 8.44 -8.12 -9.71
N LYS A 469 9.40 -8.48 -8.87
CA LYS A 469 9.85 -9.85 -8.78
C LYS A 469 8.73 -10.78 -8.31
N GLY A 470 8.01 -10.37 -7.25
CA GLY A 470 6.97 -11.21 -6.67
C GLY A 470 5.78 -11.45 -7.57
N ASN A 471 5.43 -10.47 -8.41
CA ASN A 471 4.33 -10.62 -9.34
C ASN A 471 4.71 -11.26 -10.68
N SER A 472 6.00 -11.33 -10.98
CA SER A 472 6.48 -11.91 -12.23
C SER A 472 6.62 -13.45 -12.15
N THR A 473 6.61 -14.10 -13.30
CA THR A 473 7.17 -15.45 -13.44
C THR A 473 8.68 -15.32 -13.54
N VAL A 474 9.40 -15.77 -12.51
CA VAL A 474 10.84 -15.61 -12.41
C VAL A 474 11.54 -16.86 -12.94
N SER A 475 12.51 -16.67 -13.85
CA SER A 475 13.38 -17.75 -14.33
C SER A 475 14.80 -17.42 -13.93
N THR A 476 15.41 -18.25 -13.10
CA THR A 476 16.81 -18.10 -12.73
C THR A 476 17.61 -18.93 -13.71
N LEU A 477 18.50 -18.29 -14.45
CA LEU A 477 19.17 -18.91 -15.59
C LEU A 477 20.57 -19.37 -15.19
N ALA A 478 21.02 -20.45 -15.82
CA ALA A 478 22.36 -21.00 -15.55
C ALA A 478 23.42 -20.00 -15.98
N PRO A 479 24.53 -19.91 -15.23
CA PRO A 479 25.61 -19.03 -15.67
C PRO A 479 26.20 -19.50 -16.99
N VAL A 480 26.82 -18.58 -17.73
CA VAL A 480 27.29 -18.81 -19.10
C VAL A 480 28.69 -18.23 -19.23
N MET A 481 29.63 -19.03 -19.73
CA MET A 481 30.92 -18.51 -20.19
C MET A 481 30.78 -18.18 -21.66
N LEU A 482 31.02 -16.92 -21.99
CA LEU A 482 31.06 -16.47 -23.38
C LEU A 482 32.51 -16.56 -23.84
N ASN A 483 32.77 -17.53 -24.73
CA ASN A 483 34.13 -17.81 -25.21
C ASN A 483 34.12 -17.95 -26.74
N GLU A 484 35.07 -18.71 -27.31
CA GLU A 484 35.15 -18.94 -28.76
C GLU A 484 33.88 -19.51 -29.39
N SER A 485 33.11 -20.26 -28.59
CA SER A 485 31.89 -20.91 -29.08
C SER A 485 30.62 -20.03 -29.00
N ALA A 486 30.74 -18.83 -28.43
CA ALA A 486 29.57 -17.97 -28.21
C ALA A 486 29.07 -17.41 -29.52
N ALA A 487 27.79 -17.62 -29.81
CA ALA A 487 27.15 -16.93 -30.93
C ALA A 487 27.10 -15.43 -30.66
N ALA A 488 26.82 -14.64 -31.71
CA ALA A 488 26.63 -13.19 -31.56
C ALA A 488 25.48 -12.92 -30.60
N TYR A 489 24.39 -13.66 -30.79
CA TYR A 489 23.20 -13.60 -29.94
C TYR A 489 22.76 -15.00 -29.49
N THR A 490 22.53 -15.16 -28.18
CA THR A 490 22.09 -16.43 -27.60
C THR A 490 20.80 -16.21 -26.80
N PRO A 491 19.64 -16.60 -27.35
CA PRO A 491 18.40 -16.46 -26.58
C PRO A 491 18.48 -17.13 -25.21
N PHE A 492 17.87 -16.53 -24.20
CA PHE A 492 17.80 -17.16 -22.87
C PHE A 492 16.99 -18.44 -22.97
N SER A 493 17.27 -19.39 -22.07
CA SER A 493 16.57 -20.67 -22.03
C SER A 493 15.08 -20.51 -21.70
N SER A 494 14.72 -19.43 -20.99
CA SER A 494 13.32 -19.02 -20.85
C SER A 494 13.15 -17.66 -21.52
N GLN A 495 12.02 -17.45 -22.17
CA GLN A 495 11.76 -16.24 -22.93
C GLN A 495 10.62 -15.43 -22.31
N PRO A 496 10.64 -14.10 -22.50
CA PRO A 496 9.49 -13.29 -22.08
C PRO A 496 8.24 -13.66 -22.86
N THR A 497 7.07 -13.36 -22.32
CA THR A 497 5.81 -13.61 -23.00
C THR A 497 5.18 -12.33 -23.56
N ASP A 498 5.75 -11.16 -23.25
CA ASP A 498 5.21 -9.88 -23.72
C ASP A 498 6.29 -8.80 -23.52
N ARG A 499 5.93 -7.52 -23.62
CA ARG A 499 6.90 -6.42 -23.56
C ARG A 499 7.05 -5.83 -22.15
N PHE A 500 6.88 -6.67 -21.14
CA PHE A 500 6.94 -6.25 -19.75
C PHE A 500 7.78 -7.23 -18.99
N TYR A 501 9.06 -6.90 -18.83
CA TYR A 501 9.99 -7.77 -18.13
C TYR A 501 11.24 -7.07 -17.64
N ALA A 502 11.93 -7.71 -16.70
CA ALA A 502 13.22 -7.27 -16.22
C ALA A 502 14.26 -8.37 -16.41
N LEU A 503 15.50 -7.94 -16.66
CA LEU A 503 16.65 -8.82 -16.77
C LEU A 503 17.67 -8.35 -15.78
N THR A 504 18.43 -9.29 -15.24
CA THR A 504 19.60 -8.95 -14.46
C THR A 504 20.74 -9.90 -14.79
N GLY A 505 21.97 -9.42 -14.63
CA GLY A 505 23.15 -10.23 -14.85
C GLY A 505 24.42 -9.54 -14.40
N SER A 506 25.42 -10.32 -14.00
CA SER A 506 26.75 -9.84 -13.67
C SER A 506 27.69 -10.33 -14.73
N PHE A 507 28.37 -9.40 -15.38
CA PHE A 507 29.29 -9.70 -16.46
C PHE A 507 30.69 -9.51 -15.93
N GLU A 508 31.47 -10.60 -15.90
CA GLU A 508 32.83 -10.57 -15.39
C GLU A 508 33.80 -10.52 -16.56
N PHE A 509 34.59 -9.44 -16.62
CA PHE A 509 35.51 -9.19 -17.73
C PHE A 509 36.94 -9.26 -17.24
N GLY A 510 37.84 -9.77 -18.10
CA GLY A 510 39.28 -9.65 -17.85
C GLY A 510 39.70 -8.19 -17.81
N LEU A 511 40.69 -7.87 -16.99
CA LEU A 511 41.15 -6.49 -16.82
C LEU A 511 41.61 -5.81 -18.11
N ASN A 512 42.14 -6.59 -19.05
CA ASN A 512 42.60 -6.05 -20.34
C ASN A 512 41.77 -6.55 -21.53
N THR A 513 40.51 -6.90 -21.28
CA THR A 513 39.63 -7.43 -22.32
C THR A 513 39.43 -6.43 -23.46
N THR A 514 39.22 -6.96 -24.65
CA THR A 514 38.68 -6.18 -25.77
C THR A 514 37.36 -6.80 -26.22
N ALA A 515 36.79 -7.71 -25.43
CA ALA A 515 35.52 -8.31 -25.76
C ALA A 515 34.38 -7.34 -25.39
N LYS A 516 33.21 -7.54 -26.00
CA LYS A 516 32.00 -6.80 -25.67
C LYS A 516 30.92 -7.81 -25.35
N ALA A 517 30.05 -7.46 -24.40
CA ALA A 517 28.88 -8.30 -24.10
C ALA A 517 27.70 -7.47 -23.58
N GLY A 518 26.54 -8.09 -23.54
CA GLY A 518 25.36 -7.44 -22.98
C GLY A 518 24.09 -8.21 -23.25
N PHE A 519 23.00 -7.47 -23.45
CA PHE A 519 21.67 -8.05 -23.58
C PHE A 519 21.01 -7.53 -24.83
N ARG A 520 20.36 -8.43 -25.54
CA ARG A 520 19.44 -8.07 -26.62
C ARG A 520 18.03 -8.20 -26.06
N VAL A 521 17.17 -7.22 -26.35
CA VAL A 521 15.80 -7.21 -25.86
C VAL A 521 14.82 -6.84 -26.97
N LEU A 522 13.53 -7.05 -26.70
CA LEU A 522 12.45 -6.79 -27.66
C LEU A 522 12.82 -7.33 -29.04
N ALA A 523 13.18 -8.62 -29.04
CA ALA A 523 13.87 -9.25 -30.16
C ALA A 523 13.04 -10.31 -30.85
N SER A 524 12.92 -10.17 -32.17
CA SER A 524 12.56 -11.26 -33.06
C SER A 524 13.71 -11.33 -34.08
N GLU A 525 13.55 -12.10 -35.15
CA GLU A 525 14.54 -12.16 -36.22
C GLU A 525 14.72 -10.82 -36.89
N GLU A 526 13.64 -10.07 -37.06
CA GLU A 526 13.67 -8.82 -37.83
C GLU A 526 13.79 -7.53 -37.03
N GLU A 527 13.38 -7.55 -35.76
CA GLU A 527 13.52 -6.36 -34.90
C GLU A 527 14.19 -6.75 -33.59
N TYR A 528 15.09 -5.90 -33.12
CA TYR A 528 15.77 -6.13 -31.84
C TYR A 528 16.49 -4.89 -31.41
N THR A 529 16.75 -4.82 -30.10
CA THR A 529 17.49 -3.70 -29.49
C THR A 529 18.66 -4.28 -28.72
N ASP A 530 19.86 -3.77 -29.00
CA ASP A 530 21.08 -4.36 -28.47
C ASP A 530 21.71 -3.43 -27.45
N ILE A 531 21.94 -3.97 -26.25
CA ILE A 531 22.55 -3.22 -25.16
C ILE A 531 23.95 -3.81 -24.95
N TRP A 532 24.98 -3.05 -25.30
CA TRP A 532 26.36 -3.53 -25.28
C TRP A 532 27.15 -2.80 -24.23
N PHE A 533 28.04 -3.51 -23.55
CA PHE A 533 29.12 -2.84 -22.83
C PHE A 533 30.47 -3.24 -23.41
N ASP A 534 31.35 -2.25 -23.51
CA ASP A 534 32.65 -2.35 -24.17
C ASP A 534 33.68 -1.81 -23.18
N PRO A 535 34.21 -2.68 -22.30
CA PRO A 535 35.12 -2.23 -21.25
C PRO A 535 36.33 -1.44 -21.73
N ALA A 536 36.84 -1.78 -22.92
CA ALA A 536 38.03 -1.10 -23.46
C ALA A 536 37.78 0.37 -23.73
N SER A 537 36.60 0.70 -24.26
CA SER A 537 36.21 2.10 -24.48
C SER A 537 35.46 2.73 -23.30
N GLU A 538 35.01 1.88 -22.35
CA GLU A 538 34.23 2.27 -21.18
C GLU A 538 32.84 2.80 -21.60
N ASN A 539 32.30 2.29 -22.71
CA ASN A 539 31.04 2.76 -23.26
C ASN A 539 29.96 1.68 -23.15
N LEU A 540 28.84 2.07 -22.53
CA LEU A 540 27.60 1.30 -22.58
C LEU A 540 26.78 1.90 -23.70
N THR A 541 26.36 1.08 -24.67
CA THR A 541 25.58 1.57 -25.80
C THR A 541 24.28 0.82 -25.96
N VAL A 542 23.28 1.51 -26.54
CA VAL A 542 22.05 0.88 -26.94
C VAL A 542 21.94 1.15 -28.43
N VAL A 543 22.09 0.10 -29.22
CA VAL A 543 22.08 0.20 -30.68
C VAL A 543 20.66 -0.07 -31.13
N ARG A 544 20.09 0.88 -31.86
CA ARG A 544 18.67 0.85 -32.19
C ARG A 544 18.41 0.88 -33.71
N THR A 545 19.42 0.57 -34.51
CA THR A 545 19.28 0.52 -35.97
C THR A 545 18.25 -0.50 -36.42
N ALA A 546 18.07 -1.56 -35.64
CA ALA A 546 17.04 -2.58 -35.94
C ALA A 546 15.86 -2.61 -34.94
N SER A 547 15.72 -1.61 -34.08
CA SER A 547 14.71 -1.63 -33.01
C SER A 547 13.28 -1.76 -33.54
N SER A 548 13.00 -1.11 -34.67
CA SER A 548 11.68 -1.17 -35.28
C SER A 548 11.67 -1.13 -36.80
N LEU A 549 10.76 -1.87 -37.41
CA LEU A 549 10.45 -1.71 -38.84
C LEU A 549 9.79 -0.37 -39.14
N ILE A 550 9.17 0.28 -38.13
CA ILE A 550 8.54 1.58 -38.34
C ILE A 550 9.66 2.62 -38.38
N LYS A 551 9.86 3.25 -39.53
CA LYS A 551 11.03 4.11 -39.73
C LYS A 551 10.93 5.53 -39.13
N SER A 552 9.74 5.97 -38.75
CA SER A 552 9.58 7.34 -38.21
C SER A 552 10.13 7.53 -36.78
N PHE A 553 10.35 6.45 -36.03
CA PHE A 553 10.91 6.56 -34.66
C PHE A 553 12.41 6.73 -34.70
N GLY A 554 12.97 7.36 -33.66
CA GLY A 554 14.39 7.58 -33.57
C GLY A 554 15.15 6.27 -33.51
N ASN A 555 16.33 6.27 -34.13
CA ASN A 555 17.17 5.07 -34.19
C ASN A 555 18.63 5.31 -33.83
N ASP A 556 18.93 6.48 -33.28
CA ASP A 556 20.29 6.83 -32.92
C ASP A 556 20.77 5.95 -31.74
N THR A 557 22.08 5.74 -31.70
CA THR A 557 22.71 4.91 -30.68
C THR A 557 22.82 5.72 -29.39
N GLU A 558 22.34 5.14 -28.28
CA GLU A 558 22.47 5.75 -26.97
C GLU A 558 23.85 5.41 -26.43
N LEU A 559 24.42 6.29 -25.62
CA LEU A 559 25.73 6.05 -25.03
C LEU A 559 25.84 6.59 -23.60
N ALA A 560 26.39 5.76 -22.71
CA ALA A 560 26.76 6.16 -21.36
C ALA A 560 28.20 5.74 -21.08
N LYS A 561 28.89 6.54 -20.28
CA LYS A 561 30.22 6.16 -19.76
C LYS A 561 30.03 5.41 -18.45
N VAL A 562 30.72 4.28 -18.30
CA VAL A 562 30.71 3.49 -17.06
C VAL A 562 32.15 3.19 -16.64
N LYS A 563 32.53 3.62 -15.44
CA LYS A 563 33.84 3.35 -14.88
C LYS A 563 33.77 2.07 -14.03
N LEU A 564 34.46 1.03 -14.48
CA LEU A 564 34.61 -0.18 -13.67
C LEU A 564 35.78 0.00 -12.71
N TYR A 565 35.48 0.24 -11.43
CA TYR A 565 36.53 0.45 -10.42
C TYR A 565 37.12 -0.91 -10.13
N GLU A 566 38.38 -1.10 -10.50
CA GLU A 566 39.06 -2.40 -10.35
C GLU A 566 39.48 -2.58 -8.90
N ILE A 567 39.28 -3.77 -8.35
CA ILE A 567 39.54 -4.02 -6.92
C ILE A 567 40.96 -4.58 -6.72
N VAL A 568 41.66 -4.09 -5.71
CA VAL A 568 43.02 -4.54 -5.35
C VAL A 568 43.02 -6.07 -5.26
N GLY A 569 43.90 -6.69 -6.03
CA GLY A 569 44.04 -8.14 -5.99
C GLY A 569 43.14 -8.91 -6.93
N ALA A 570 42.18 -8.22 -7.56
CA ALA A 570 41.25 -8.90 -8.46
C ALA A 570 41.91 -9.06 -9.82
N GLU A 571 41.59 -10.15 -10.50
CA GLU A 571 42.08 -10.39 -11.86
C GLU A 571 40.96 -10.21 -12.88
N SER A 572 39.86 -9.60 -12.46
CA SER A 572 38.76 -9.29 -13.36
C SER A 572 37.98 -8.10 -12.84
N LYS A 573 37.04 -7.62 -13.65
CA LYS A 573 36.20 -6.49 -13.27
C LYS A 573 34.77 -6.76 -13.71
N THR A 574 33.82 -6.33 -12.88
CA THR A 574 32.42 -6.77 -12.99
C THR A 574 31.46 -5.61 -13.35
N LEU A 575 30.57 -5.87 -14.29
CA LEU A 575 29.46 -4.98 -14.64
C LEU A 575 28.16 -5.67 -14.22
N ASN A 576 27.48 -5.11 -13.23
CA ASN A 576 26.13 -5.55 -12.85
C ASN A 576 25.12 -4.75 -13.62
N LEU A 577 24.36 -5.43 -14.47
CA LEU A 577 23.44 -4.77 -15.39
C LEU A 577 22.02 -5.25 -15.09
N THR A 578 21.11 -4.29 -14.83
CA THR A 578 19.69 -4.55 -14.73
C THR A 578 18.94 -3.73 -15.81
N VAL A 579 18.00 -4.38 -16.49
CA VAL A 579 17.27 -3.78 -17.59
C VAL A 579 15.79 -4.00 -17.38
N PHE A 580 15.02 -2.92 -17.42
CA PHE A 580 13.57 -2.98 -17.40
C PHE A 580 13.04 -2.69 -18.80
N VAL A 581 12.18 -3.57 -19.29
CA VAL A 581 11.51 -3.43 -20.56
C VAL A 581 10.04 -3.28 -20.23
N ASP A 582 9.43 -2.19 -20.66
CA ASP A 582 8.08 -1.84 -20.23
C ASP A 582 7.37 -1.13 -21.36
N GLY A 583 6.75 -1.91 -22.24
CA GLY A 583 6.12 -1.38 -23.44
C GLY A 583 7.19 -0.96 -24.41
N SER A 584 7.39 0.34 -24.52
CA SER A 584 8.45 0.94 -25.33
C SER A 584 9.63 1.44 -24.52
N VAL A 585 9.51 1.47 -23.19
CA VAL A 585 10.61 1.92 -22.34
C VAL A 585 11.62 0.81 -22.15
N ILE A 586 12.89 1.17 -22.31
CA ILE A 586 14.01 0.33 -21.91
C ILE A 586 14.80 1.18 -20.93
N GLU A 587 14.87 0.72 -19.67
CA GLU A 587 15.53 1.49 -18.63
C GLU A 587 16.63 0.64 -18.01
N ILE A 588 17.86 1.14 -18.13
CA ILE A 588 19.05 0.35 -17.81
C ILE A 588 19.78 0.96 -16.61
N TYR A 589 20.19 0.09 -15.68
CA TYR A 589 20.96 0.46 -14.51
C TYR A 589 22.24 -0.38 -14.47
N ALA A 590 23.38 0.30 -14.29
CA ALA A 590 24.68 -0.37 -14.17
C ALA A 590 25.29 -0.03 -12.84
N ASN A 591 25.62 -1.05 -12.05
CA ASN A 591 26.36 -0.90 -10.79
C ASN A 591 25.78 0.12 -9.80
N ASP A 592 24.46 0.27 -9.79
CA ASP A 592 23.79 1.24 -8.90
C ASP A 592 24.37 2.64 -9.02
N GLU A 593 24.67 3.04 -10.24
CA GLU A 593 25.41 4.26 -10.49
C GLU A 593 25.00 4.92 -11.82
N VAL A 594 25.00 4.15 -12.90
CA VAL A 594 24.74 4.66 -14.23
C VAL A 594 23.33 4.25 -14.68
N ALA A 595 22.53 5.22 -15.10
CA ALA A 595 21.20 4.98 -15.62
C ALA A 595 21.10 5.47 -17.06
N LEU A 596 20.36 4.72 -17.88
CA LEU A 596 20.14 5.08 -19.27
C LEU A 596 18.73 4.64 -19.67
N SER A 597 17.85 5.60 -19.96
CA SER A 597 16.47 5.32 -20.34
C SER A 597 16.33 5.60 -21.83
N THR A 598 15.71 4.69 -22.57
CA THR A 598 15.48 4.93 -24.00
C THR A 598 14.17 4.30 -24.46
N ARG A 599 13.92 4.37 -25.76
CA ARG A 599 12.67 3.90 -26.35
C ARG A 599 12.91 2.97 -27.54
N ALA A 600 12.09 1.93 -27.62
CA ALA A 600 12.06 1.06 -28.81
C ALA A 600 10.63 0.69 -29.13
N TYR A 601 10.26 0.77 -30.40
CA TYR A 601 8.88 0.57 -30.81
C TYR A 601 8.73 -0.50 -31.92
N PRO A 602 9.21 -1.74 -31.69
CA PRO A 602 9.01 -2.78 -32.71
C PRO A 602 7.54 -3.04 -33.02
N TRP A 603 7.24 -3.22 -34.30
CA TRP A 603 5.87 -3.49 -34.73
C TRP A 603 5.41 -4.90 -34.47
N LEU A 604 6.28 -5.89 -34.69
CA LEU A 604 5.86 -7.29 -34.72
C LEU A 604 5.49 -7.82 -33.33
N ALA A 605 4.42 -8.59 -33.29
CA ALA A 605 3.90 -9.14 -32.04
C ALA A 605 4.91 -10.00 -31.31
N ASN A 606 5.76 -10.70 -32.07
CA ASN A 606 6.80 -11.57 -31.50
C ASN A 606 8.16 -10.89 -31.26
N SER A 607 8.26 -9.57 -31.41
CA SER A 607 9.51 -8.88 -31.07
C SER A 607 9.58 -8.58 -29.55
N THR A 608 9.56 -9.66 -28.78
CA THR A 608 9.59 -9.62 -27.32
C THR A 608 10.75 -10.40 -26.69
N GLY A 609 11.50 -11.16 -27.49
CA GLY A 609 12.52 -12.04 -26.97
C GLY A 609 13.74 -11.34 -26.40
N ALA A 610 14.57 -12.13 -25.73
CA ALA A 610 15.78 -11.62 -25.09
C ALA A 610 16.85 -12.68 -24.88
N GLY A 611 18.08 -12.22 -24.79
CA GLY A 611 19.22 -13.10 -24.58
C GLY A 611 20.52 -12.36 -24.48
N LEU A 612 21.62 -13.11 -24.54
CA LEU A 612 22.95 -12.56 -24.37
C LEU A 612 23.58 -12.17 -25.68
N LEU A 613 24.32 -11.06 -25.66
CA LEU A 613 25.16 -10.60 -26.76
C LEU A 613 26.62 -10.83 -26.41
N ALA A 614 27.41 -11.19 -27.43
CA ALA A 614 28.84 -11.44 -27.30
C ALA A 614 29.54 -10.98 -28.57
N ASP A 615 30.65 -10.26 -28.43
CA ASP A 615 31.47 -9.87 -29.57
C ASP A 615 32.95 -9.89 -29.20
N GLY A 616 33.76 -10.59 -30.01
CA GLY A 616 35.19 -10.72 -29.75
C GLY A 616 35.54 -11.58 -28.55
N THR A 617 34.64 -12.49 -28.16
CA THR A 617 34.95 -13.44 -27.10
C THR A 617 35.65 -14.65 -27.72
N THR A 618 36.75 -15.06 -27.10
CA THR A 618 37.60 -16.14 -27.60
C THR A 618 37.91 -17.10 -26.47
N ALA A 619 38.71 -18.13 -26.75
CA ALA A 619 39.21 -19.03 -25.71
C ALA A 619 40.02 -18.28 -24.66
N GLY A 620 40.74 -17.25 -25.09
CA GLY A 620 41.59 -16.45 -24.20
C GLY A 620 40.88 -15.25 -23.59
N ASP A 621 39.98 -14.62 -24.34
CA ASP A 621 39.27 -13.42 -23.88
C ASP A 621 37.82 -13.81 -23.61
N VAL A 622 37.55 -14.15 -22.36
CA VAL A 622 36.32 -14.79 -21.97
C VAL A 622 35.48 -13.80 -21.12
N VAL A 623 34.16 -13.85 -21.28
CA VAL A 623 33.23 -13.08 -20.41
C VAL A 623 32.34 -14.06 -19.67
N GLY A 624 32.42 -14.02 -18.34
CA GLY A 624 31.60 -14.87 -17.48
C GLY A 624 30.33 -14.12 -17.12
N VAL A 625 29.17 -14.74 -17.36
CA VAL A 625 27.89 -14.14 -17.03
C VAL A 625 27.19 -15.03 -15.99
N SER A 626 26.86 -14.44 -14.84
CA SER A 626 26.18 -15.13 -13.75
C SER A 626 25.12 -14.22 -13.13
N GLY A 627 24.41 -14.73 -12.12
CA GLY A 627 23.33 -13.99 -11.49
C GLY A 627 22.21 -13.65 -12.47
N LEU A 628 22.02 -14.50 -13.48
CA LEU A 628 21.08 -14.22 -14.56
C LEU A 628 19.66 -14.54 -14.13
N GLU A 629 18.77 -13.55 -14.28
CA GLU A 629 17.34 -13.73 -13.98
C GLU A 629 16.49 -12.97 -14.97
N LEU A 630 15.38 -13.59 -15.34
CA LEU A 630 14.33 -12.99 -16.13
C LEU A 630 13.11 -12.90 -15.22
N TRP A 631 12.58 -11.67 -15.06
CA TRP A 631 11.31 -11.47 -14.36
C TRP A 631 10.28 -11.13 -15.42
N ASP A 632 9.42 -12.10 -15.77
CA ASP A 632 8.44 -11.91 -16.84
C ASP A 632 7.08 -11.46 -16.28
N GLY A 633 6.64 -10.28 -16.72
CA GLY A 633 5.30 -9.77 -16.42
C GLY A 633 5.31 -8.45 -15.66
N LEU A 634 6.21 -8.32 -14.68
CA LEU A 634 6.25 -7.14 -13.81
C LEU A 634 4.91 -6.99 -13.05
N VAL A 635 4.38 -5.77 -12.89
CA VAL A 635 3.04 -5.56 -12.29
C VAL A 635 2.28 -4.55 -13.10
N ASP A 636 0.96 -4.61 -13.02
CA ASP A 636 0.09 -3.58 -13.56
C ASP A 636 0.11 -2.41 -12.56
N ALA A 637 0.75 -1.31 -12.94
CA ALA A 637 0.92 -0.18 -12.03
C ALA A 637 -0.37 0.61 -11.77
N TRP A 638 -1.40 0.42 -12.61
CA TRP A 638 -2.65 1.14 -12.52
C TRP A 638 -3.87 0.20 -12.50
N PRO A 639 -4.05 -0.54 -11.40
CA PRO A 639 -5.06 -1.63 -11.39
C PRO A 639 -6.47 -1.16 -11.64
N ALA A 640 -6.83 0.07 -11.25
CA ALA A 640 -8.18 0.58 -11.49
C ALA A 640 -8.41 1.05 -12.94
N ARG A 641 -7.35 1.22 -13.73
CA ARG A 641 -7.52 1.72 -15.10
C ARG A 641 -7.81 0.56 -16.05
N PRO A 642 -8.76 0.74 -16.98
CA PRO A 642 -8.83 -0.22 -18.08
C PRO A 642 -7.61 -0.08 -18.99
N ALA A 643 -7.43 -1.03 -19.90
CA ALA A 643 -6.30 -1.03 -20.83
C ALA A 643 -6.26 0.24 -21.68
N ASN A 644 -7.43 0.65 -22.17
CA ASN A 644 -7.55 1.84 -22.99
C ASN A 644 -8.22 2.95 -22.18
N THR A 645 -7.41 3.88 -21.69
CA THR A 645 -7.90 5.06 -20.97
C THR A 645 -7.97 6.33 -21.81
N SER A 646 -7.85 6.19 -23.13
CA SER A 646 -8.08 7.34 -24.02
C SER A 646 -9.46 7.94 -23.80
N GLN A 647 -9.55 9.26 -23.86
CA GLN A 647 -10.82 9.97 -23.89
C GLN A 647 -10.96 10.75 -25.19
N GLY A 648 -10.22 10.36 -26.23
CA GLY A 648 -10.20 11.12 -27.48
C GLY A 648 -9.24 12.29 -27.39
N LEU A 649 -8.93 12.87 -28.54
CA LEU A 649 -8.12 14.06 -28.65
C LEU A 649 -8.95 15.21 -29.20
N VAL A 650 -8.56 16.43 -28.85
CA VAL A 650 -9.27 17.62 -29.31
C VAL A 650 -8.28 18.63 -29.89
N TRP A 651 -8.82 19.52 -30.72
CA TRP A 651 -8.09 20.64 -31.28
C TRP A 651 -8.60 21.93 -30.62
N ASP A 652 -7.67 22.83 -30.28
CA ASP A 652 -8.01 24.12 -29.66
C ASP A 652 -8.63 25.13 -30.65
N GLY A 653 -8.53 24.83 -31.94
CA GLY A 653 -9.14 25.64 -32.98
C GLY A 653 -8.20 26.73 -33.45
N PRO A 654 -8.70 27.65 -34.32
CA PRO A 654 -7.85 28.68 -34.90
C PRO A 654 -7.25 29.67 -33.91
N THR A 655 -7.85 29.84 -32.73
CA THR A 655 -7.27 30.76 -31.73
C THR A 655 -5.94 30.30 -31.15
N ALA A 656 -5.59 29.03 -31.26
CA ALA A 656 -4.28 28.58 -30.73
C ALA A 656 -3.14 29.32 -31.40
N ALA A 657 -3.18 29.42 -32.72
CA ALA A 657 -2.17 30.17 -33.47
C ALA A 657 -2.26 31.68 -33.20
N MET A 658 -3.47 32.19 -32.96
CA MET A 658 -3.63 33.61 -32.65
C MET A 658 -2.97 33.97 -31.32
N TYR A 659 -3.23 33.19 -30.28
CA TYR A 659 -2.62 33.45 -28.97
C TYR A 659 -1.11 33.13 -28.99
N GLY A 660 -0.73 32.13 -29.76
CA GLY A 660 0.66 31.79 -29.99
C GLY A 660 1.37 31.14 -28.79
N LEU A 661 0.63 30.58 -27.84
CA LEU A 661 1.22 30.02 -26.62
C LEU A 661 1.41 28.51 -26.68
N PHE A 662 0.45 27.81 -27.27
CA PHE A 662 0.40 26.36 -27.31
C PHE A 662 0.20 25.90 -28.74
N ALA A 663 0.72 24.73 -29.10
CA ALA A 663 0.50 24.16 -30.44
C ALA A 663 -0.99 24.01 -30.74
N GLY A 664 -1.77 23.60 -29.74
CA GLY A 664 -3.22 23.51 -29.87
C GLY A 664 -3.77 22.12 -30.09
N TYR A 665 -2.90 21.12 -30.09
CA TYR A 665 -3.33 19.73 -30.26
C TYR A 665 -2.43 18.84 -29.41
N CYS B 42 -8.01 14.03 39.29
CA CYS B 42 -7.71 12.63 38.91
C CYS B 42 -6.23 12.46 38.60
N SER B 43 -5.64 11.37 39.10
CA SER B 43 -4.21 11.12 38.94
C SER B 43 -3.99 10.08 37.85
N LEU B 44 -3.05 10.37 36.93
CA LEU B 44 -2.67 9.43 35.88
C LEU B 44 -1.28 8.85 36.11
N ASP B 45 -0.86 8.80 37.38
CA ASP B 45 0.44 8.29 37.75
C ASP B 45 0.37 6.76 37.69
N GLN B 46 0.99 6.20 36.65
CA GLN B 46 1.02 4.75 36.45
C GLN B 46 2.23 4.07 37.13
N THR B 47 2.96 4.80 37.98
CA THR B 47 4.00 4.17 38.82
C THR B 47 3.48 3.81 40.20
N VAL B 48 2.23 4.15 40.51
CA VAL B 48 1.61 3.83 41.80
C VAL B 48 0.25 3.22 41.55
N ALA B 49 -0.37 2.70 42.59
CA ALA B 49 -1.69 2.10 42.49
C ALA B 49 -2.72 3.10 41.90
N PRO B 50 -3.70 2.58 41.14
CA PRO B 50 -4.70 3.48 40.57
C PRO B 50 -5.65 4.05 41.64
N GLY B 51 -5.99 5.33 41.51
CA GLY B 51 -6.99 5.94 42.37
C GLY B 51 -8.40 5.59 41.92
N ASN B 52 -9.33 6.48 42.22
CA ASN B 52 -10.70 6.38 41.76
C ASN B 52 -10.77 6.99 40.36
N LEU B 53 -10.63 6.15 39.34
CA LEU B 53 -10.53 6.62 37.95
C LEU B 53 -11.86 7.15 37.40
N THR B 54 -12.99 6.80 38.03
CA THR B 54 -14.28 7.41 37.67
C THR B 54 -14.35 8.94 37.88
N LEU B 55 -13.43 9.50 38.66
CA LEU B 55 -13.32 10.95 38.81
C LEU B 55 -12.63 11.63 37.63
N CYS B 56 -11.97 10.84 36.78
CA CYS B 56 -11.25 11.40 35.64
C CYS B 56 -12.24 11.95 34.60
N GLY B 57 -11.79 12.94 33.85
CA GLY B 57 -12.59 13.56 32.80
C GLY B 57 -12.73 12.69 31.56
N ASN B 58 -13.56 13.17 30.64
CA ASN B 58 -13.82 12.46 29.39
C ASN B 58 -12.54 12.32 28.58
N ALA B 59 -12.26 11.11 28.10
CA ALA B 59 -11.10 10.86 27.25
C ALA B 59 -9.72 11.11 27.90
N THR B 60 -9.68 11.20 29.23
CA THR B 60 -8.41 11.39 29.94
C THR B 60 -7.60 10.11 29.89
N LEU B 61 -8.28 8.97 29.75
CA LEU B 61 -7.62 7.68 29.57
C LEU B 61 -7.56 7.22 28.09
N PHE B 62 -7.58 8.17 27.15
CA PHE B 62 -7.69 7.83 25.73
C PHE B 62 -6.56 6.95 25.24
N THR B 63 -5.32 7.31 25.57
CA THR B 63 -4.15 6.59 25.08
C THR B 63 -3.66 5.47 26.01
N THR B 64 -4.25 5.33 27.19
CA THR B 64 -3.71 4.44 28.22
C THR B 64 -3.75 2.97 27.82
N PHE B 65 -4.89 2.52 27.31
CA PHE B 65 -5.11 1.12 26.97
C PHE B 65 -5.38 0.89 25.47
N ARG B 66 -5.11 1.89 24.64
CA ARG B 66 -5.67 1.94 23.29
C ARG B 66 -4.84 1.09 22.33
N PRO B 67 -5.48 0.19 21.56
CA PRO B 67 -4.71 -0.48 20.50
C PRO B 67 -4.12 0.53 19.49
N LYS B 68 -2.95 0.21 18.95
CA LYS B 68 -2.22 1.03 17.98
C LYS B 68 -2.00 0.34 16.62
N ALA B 69 -2.00 -0.99 16.59
CA ALA B 69 -1.58 -1.76 15.43
C ALA B 69 -2.70 -2.42 14.65
N ARG B 70 -3.93 -1.99 14.88
CA ARG B 70 -5.11 -2.61 14.28
C ARG B 70 -6.15 -1.58 13.86
N PHE B 71 -7.18 -2.05 13.17
CA PHE B 71 -8.30 -1.21 12.77
C PHE B 71 -9.14 -0.83 14.00
N ILE B 72 -9.35 0.47 14.15
CA ILE B 72 -10.15 1.04 15.21
C ILE B 72 -10.65 2.40 14.71
N ALA B 73 -11.84 2.80 15.13
CA ALA B 73 -12.37 4.13 14.80
C ALA B 73 -11.49 5.25 15.37
N PRO B 74 -11.58 6.48 14.81
CA PRO B 74 -10.80 7.56 15.42
C PRO B 74 -11.15 7.84 16.88
N GLU B 75 -12.43 7.70 17.21
CA GLU B 75 -12.91 7.91 18.56
C GLU B 75 -14.33 7.37 18.70
N GLY B 76 -14.80 7.33 19.94
CA GLY B 76 -16.18 6.98 20.21
C GLY B 76 -16.49 5.52 20.04
N TRP B 77 -17.77 5.24 19.83
CA TRP B 77 -18.28 3.88 19.81
C TRP B 77 -18.14 3.27 18.42
N MET B 78 -17.65 2.03 18.38
CA MET B 78 -17.76 1.22 17.17
C MET B 78 -18.23 -0.18 17.52
N ASN B 79 -18.87 -0.84 16.55
CA ASN B 79 -19.13 -2.26 16.66
C ASN B 79 -18.84 -3.02 15.35
N ALA B 80 -19.82 -3.67 14.74
CA ALA B 80 -19.59 -4.66 13.68
C ALA B 80 -18.92 -4.06 12.41
N PRO B 81 -17.97 -4.81 11.82
CA PRO B 81 -17.54 -4.54 10.46
C PRO B 81 -18.72 -4.60 9.52
N MET B 82 -18.65 -3.84 8.43
CA MET B 82 -19.69 -3.80 7.42
C MET B 82 -19.12 -3.26 6.09
N GLY B 83 -19.85 -3.50 5.01
CA GLY B 83 -19.54 -2.95 3.70
C GLY B 83 -18.13 -3.24 3.22
N LEU B 84 -17.61 -4.42 3.54
CA LEU B 84 -16.25 -4.77 3.19
C LEU B 84 -16.14 -5.13 1.71
N TYR B 85 -15.18 -4.53 1.01
CA TYR B 85 -14.91 -4.93 -0.37
C TYR B 85 -13.56 -4.43 -0.84
N GLN B 86 -13.02 -5.13 -1.81
CA GLN B 86 -11.80 -4.74 -2.46
C GLN B 86 -12.15 -3.81 -3.61
N ARG B 87 -11.59 -2.60 -3.56
CA ARG B 87 -11.88 -1.55 -4.54
C ARG B 87 -11.13 -1.83 -5.85
N ALA B 88 -11.47 -1.06 -6.88
CA ALA B 88 -10.91 -1.27 -8.22
C ALA B 88 -9.37 -1.13 -8.27
N ASP B 89 -8.80 -0.29 -7.40
CA ASP B 89 -7.34 -0.13 -7.34
C ASP B 89 -6.64 -1.18 -6.49
N GLY B 90 -7.40 -2.17 -5.99
CA GLY B 90 -6.83 -3.24 -5.17
C GLY B 90 -6.82 -2.95 -3.67
N SER B 91 -7.15 -1.71 -3.27
CA SER B 91 -7.17 -1.35 -1.87
C SER B 91 -8.43 -1.96 -1.22
N ILE B 92 -8.40 -2.05 0.09
CA ILE B 92 -9.51 -2.62 0.87
C ILE B 92 -10.33 -1.50 1.49
N HIS B 93 -11.64 -1.50 1.22
CA HIS B 93 -12.59 -0.62 1.89
C HIS B 93 -13.20 -1.38 3.07
N ALA B 94 -13.09 -0.81 4.26
CA ALA B 94 -13.69 -1.36 5.48
C ALA B 94 -14.62 -0.32 6.08
N GLY B 95 -15.88 -0.70 6.22
CA GLY B 95 -16.84 0.06 7.01
C GLY B 95 -17.01 -0.54 8.39
N TYR B 96 -17.63 0.22 9.27
CA TYR B 96 -17.96 -0.26 10.61
C TYR B 96 -19.13 0.51 11.18
N GLN B 97 -19.94 -0.19 11.98
CA GLN B 97 -20.99 0.42 12.77
C GLN B 97 -20.35 1.43 13.71
N SER B 98 -20.82 2.67 13.69
CA SER B 98 -20.13 3.80 14.33
C SER B 98 -21.10 4.79 14.97
N HIS B 99 -20.72 5.28 16.16
CA HIS B 99 -21.43 6.38 16.85
C HIS B 99 -20.40 7.36 17.41
N PRO B 100 -19.94 8.30 16.56
CA PRO B 100 -18.91 9.25 17.03
C PRO B 100 -19.35 10.08 18.21
N LYS B 101 -18.39 10.44 19.07
CA LYS B 101 -18.58 11.35 20.21
C LYS B 101 -19.57 10.81 21.27
N HIS B 102 -19.76 9.50 21.27
CA HIS B 102 -20.57 8.78 22.25
C HIS B 102 -19.76 7.52 22.59
N ILE B 103 -20.08 6.89 23.73
CA ILE B 103 -19.45 5.62 24.12
C ILE B 103 -20.47 4.49 24.32
N GLN B 104 -21.73 4.72 23.93
CA GLN B 104 -22.69 3.67 23.75
C GLN B 104 -23.27 3.74 22.34
N TRP B 105 -23.87 2.64 21.93
CA TRP B 105 -24.49 2.47 20.63
C TRP B 105 -25.63 3.46 20.39
N GLY B 106 -25.84 3.85 19.14
CA GLY B 106 -26.97 4.68 18.76
C GLY B 106 -26.70 5.41 17.46
N ASN B 107 -27.76 5.99 16.88
CA ASN B 107 -27.71 6.63 15.54
C ASN B 107 -26.78 5.91 14.60
N ILE B 108 -26.87 4.58 14.58
CA ILE B 108 -25.74 3.81 14.12
C ILE B 108 -25.53 4.07 12.62
N SER B 109 -24.27 4.29 12.27
CA SER B 109 -23.86 4.76 10.95
C SER B 109 -22.70 3.94 10.47
N GLN B 110 -22.36 4.06 9.19
CA GLN B 110 -21.13 3.47 8.67
C GLN B 110 -20.00 4.50 8.75
N GLY B 111 -18.99 4.21 9.56
CA GLY B 111 -17.69 4.86 9.46
C GLY B 111 -16.84 4.05 8.51
N ALA B 112 -15.83 4.67 7.90
CA ALA B 112 -15.06 3.95 6.88
C ALA B 112 -13.62 4.42 6.72
N ALA B 113 -12.80 3.50 6.21
CA ALA B 113 -11.39 3.75 5.96
C ALA B 113 -10.93 2.80 4.86
N TYR B 114 -9.74 3.06 4.31
CA TYR B 114 -9.16 2.18 3.30
C TYR B 114 -7.71 1.85 3.57
N SER B 115 -7.24 0.77 2.95
CA SER B 115 -5.87 0.27 3.13
C SER B 115 -5.42 -0.52 1.92
N SER B 116 -4.16 -0.40 1.56
CA SER B 116 -3.62 -1.21 0.46
C SER B 116 -3.06 -2.54 0.95
N ASP B 117 -2.96 -2.77 2.27
CA ASP B 117 -2.33 -3.98 2.80
C ASP B 117 -3.00 -4.60 4.05
N PHE B 118 -4.27 -4.26 4.30
CA PHE B 118 -5.01 -4.62 5.54
C PHE B 118 -4.45 -4.03 6.84
N THR B 119 -3.34 -3.30 6.78
CA THR B 119 -2.52 -3.07 7.97
C THR B 119 -2.38 -1.59 8.32
N SER B 120 -1.99 -0.78 7.32
CA SER B 120 -1.91 0.67 7.42
C SER B 120 -3.15 1.26 6.76
N TRP B 121 -3.90 2.07 7.50
CA TRP B 121 -5.21 2.55 7.11
C TRP B 121 -5.25 4.07 7.03
N THR B 122 -6.19 4.57 6.21
CA THR B 122 -6.48 5.97 6.09
C THR B 122 -7.99 6.19 6.20
N ASP B 123 -8.38 7.14 7.05
CA ASP B 123 -9.79 7.48 7.24
C ASP B 123 -10.33 8.19 6.00
N PHE B 124 -11.57 7.92 5.63
CA PHE B 124 -12.28 8.84 4.75
C PHE B 124 -12.56 10.12 5.51
N ASN B 125 -12.67 11.21 4.77
CA ASN B 125 -12.96 12.52 5.35
C ASN B 125 -13.86 13.30 4.40
N GLY B 126 -15.11 13.46 4.79
CA GLY B 126 -16.11 14.12 3.98
C GLY B 126 -16.90 15.07 4.84
N SER B 127 -18.10 15.42 4.40
CA SER B 127 -18.94 16.35 5.15
C SER B 127 -19.34 15.83 6.56
N GLU B 128 -19.38 14.51 6.74
CA GLU B 128 -19.68 13.93 8.06
C GLU B 128 -18.45 13.30 8.68
N GLY B 129 -17.28 13.89 8.41
CA GLY B 129 -16.04 13.38 8.97
C GLY B 129 -15.72 12.02 8.38
N TYR B 130 -15.57 11.01 9.22
CA TYR B 130 -15.24 9.67 8.75
C TYR B 130 -16.47 8.78 8.51
N LYS B 131 -17.66 9.33 8.74
CA LYS B 131 -18.88 8.64 8.36
C LYS B 131 -19.16 8.75 6.89
N THR B 132 -19.71 7.70 6.30
CA THR B 132 -20.12 7.72 4.88
C THR B 132 -21.58 7.32 4.61
N ILE B 133 -22.26 6.68 5.57
CA ILE B 133 -23.70 6.42 5.48
C ILE B 133 -24.25 6.64 6.88
N TRP B 134 -25.39 7.32 6.97
CA TRP B 134 -25.98 7.68 8.26
C TRP B 134 -27.50 7.67 8.14
N PRO B 135 -28.22 7.49 9.27
CA PRO B 135 -29.67 7.64 9.26
C PRO B 135 -30.11 8.99 8.66
N SER B 136 -31.01 8.95 7.67
CA SER B 136 -31.47 10.15 6.97
C SER B 136 -32.88 10.13 6.39
N GLN B 137 -33.55 8.98 6.42
CA GLN B 137 -34.83 8.78 5.79
C GLN B 137 -35.73 8.04 6.79
N ILE B 138 -37.05 8.12 6.58
CA ILE B 138 -37.99 7.43 7.48
C ILE B 138 -37.66 5.94 7.64
N TYR B 139 -37.21 5.31 6.56
CA TYR B 139 -36.92 3.86 6.53
C TYR B 139 -35.64 3.43 7.26
N ASP B 140 -34.69 4.36 7.45
CA ASP B 140 -33.43 4.04 8.15
C ASP B 140 -33.07 5.00 9.29
N ILE B 141 -34.01 5.86 9.73
CA ILE B 141 -33.71 6.90 10.74
C ILE B 141 -33.30 6.35 12.11
N ARG B 142 -33.72 5.12 12.42
CA ARG B 142 -33.39 4.48 13.68
C ARG B 142 -32.00 3.84 13.65
N GLY B 143 -31.37 3.74 12.48
CA GLY B 143 -30.04 3.16 12.37
C GLY B 143 -29.81 2.52 11.03
N VAL B 144 -28.61 2.75 10.50
CA VAL B 144 -28.08 2.10 9.30
C VAL B 144 -27.26 0.93 9.86
N PHE B 145 -27.89 -0.23 9.88
CA PHE B 145 -27.31 -1.45 10.45
C PHE B 145 -26.36 -2.08 9.42
N ASP B 146 -25.86 -3.26 9.72
CA ASP B 146 -24.92 -4.00 8.87
C ASP B 146 -25.43 -4.14 7.44
N GLY B 147 -24.48 -4.11 6.50
CA GLY B 147 -24.77 -4.39 5.11
C GLY B 147 -23.55 -4.97 4.42
N SER B 148 -23.76 -5.47 3.21
CA SER B 148 -22.68 -6.05 2.41
C SER B 148 -22.73 -5.53 0.97
N ILE B 149 -21.68 -5.81 0.23
CA ILE B 149 -21.41 -5.14 -1.05
C ILE B 149 -21.73 -6.03 -2.25
N ILE B 150 -22.52 -5.48 -3.17
CA ILE B 150 -22.67 -5.97 -4.53
C ILE B 150 -21.59 -5.26 -5.33
N LYS B 151 -20.58 -6.01 -5.79
CA LYS B 151 -19.40 -5.38 -6.41
C LYS B 151 -19.74 -4.64 -7.69
N GLU B 152 -20.63 -5.21 -8.49
CA GLU B 152 -21.13 -4.56 -9.71
C GLU B 152 -22.65 -4.44 -9.65
N GLY B 153 -23.11 -3.30 -9.16
CA GLY B 153 -24.50 -3.11 -8.79
C GLY B 153 -25.17 -2.06 -9.64
N ILE B 154 -25.83 -1.11 -8.98
CA ILE B 154 -26.60 -0.05 -9.65
C ILE B 154 -25.67 0.75 -10.59
N ASP B 155 -26.06 0.79 -11.87
CA ASP B 155 -25.27 1.41 -12.95
C ASP B 155 -23.82 0.93 -12.98
N GLY B 156 -23.61 -0.32 -12.60
CA GLY B 156 -22.28 -0.91 -12.52
C GLY B 156 -21.42 -0.56 -11.31
N TYR B 157 -21.89 0.31 -10.43
CA TYR B 157 -21.11 0.78 -9.29
C TYR B 157 -21.20 -0.16 -8.07
N PRO B 158 -20.18 -0.13 -7.20
CA PRO B 158 -20.33 -0.87 -5.94
C PRO B 158 -21.56 -0.37 -5.20
N THR B 159 -22.33 -1.31 -4.66
CA THR B 159 -23.65 -1.04 -4.12
C THR B 159 -23.77 -1.83 -2.83
N ILE B 160 -24.24 -1.16 -1.78
CA ILE B 160 -24.40 -1.79 -0.48
C ILE B 160 -25.88 -2.14 -0.32
N LEU B 161 -26.14 -3.36 0.16
CA LEU B 161 -27.48 -3.76 0.61
C LEU B 161 -27.35 -3.82 2.11
N TYR B 162 -28.12 -2.99 2.80
CA TYR B 162 -28.00 -2.86 4.25
C TYR B 162 -29.34 -2.90 4.95
N THR B 163 -29.32 -3.20 6.23
CA THR B 163 -30.54 -3.16 7.03
C THR B 163 -30.85 -1.72 7.45
N SER B 164 -31.95 -1.21 6.90
CA SER B 164 -32.51 0.08 7.23
C SER B 164 -33.54 -0.13 8.33
N THR B 165 -33.34 0.52 9.48
CA THR B 165 -34.24 0.38 10.62
C THR B 165 -35.07 1.65 10.88
N SER B 166 -36.32 1.45 11.29
CA SER B 166 -37.22 2.54 11.65
C SER B 166 -37.74 2.28 13.09
N PHE B 167 -38.87 2.88 13.45
N PHE B 167 -38.84 2.94 13.47
CA PHE B 167 -39.37 2.86 14.80
CA PHE B 167 -39.36 2.88 14.86
C PHE B 167 -39.95 1.50 15.17
C PHE B 167 -39.96 1.53 15.18
N GLY B 168 -40.08 1.26 16.48
CA GLY B 168 -40.75 0.07 17.01
C GLY B 168 -39.79 -0.78 17.81
N PRO B 169 -40.35 -1.72 18.62
CA PRO B 169 -39.48 -2.62 19.37
C PRO B 169 -38.61 -3.43 18.39
N LEU B 170 -37.33 -3.53 18.68
CA LEU B 170 -36.38 -4.20 17.82
C LEU B 170 -35.50 -5.06 18.71
N GLY B 171 -35.59 -6.37 18.52
CA GLY B 171 -34.77 -7.31 19.28
C GLY B 171 -35.37 -8.69 19.33
N ALA B 172 -34.49 -9.69 19.49
CA ALA B 172 -34.89 -11.09 19.55
C ALA B 172 -35.76 -11.46 20.76
N THR B 173 -35.61 -10.71 21.85
CA THR B 173 -36.42 -10.92 23.06
C THR B 173 -37.62 -9.96 23.17
N LEU B 174 -37.90 -9.16 22.14
CA LEU B 174 -39.03 -8.23 22.15
C LEU B 174 -40.04 -8.68 21.11
N ASN B 175 -41.17 -8.01 21.07
CA ASN B 175 -42.20 -8.32 20.07
C ASN B 175 -42.05 -7.40 18.86
N GLU B 176 -41.03 -7.67 18.05
CA GLU B 176 -40.77 -6.88 16.85
C GLU B 176 -41.88 -7.08 15.84
N ALA B 177 -42.18 -6.04 15.07
CA ALA B 177 -43.15 -6.10 13.98
C ALA B 177 -42.48 -5.79 12.65
N GLU B 178 -43.16 -6.22 11.60
CA GLU B 178 -42.75 -6.01 10.23
C GLU B 178 -42.58 -4.50 9.93
N GLY B 179 -41.53 -4.12 9.20
CA GLY B 179 -41.25 -2.71 8.87
C GLY B 179 -40.16 -2.06 9.71
N THR B 180 -40.03 -2.49 10.96
CA THR B 180 -38.99 -2.00 11.83
C THR B 180 -37.58 -2.28 11.24
N GLU B 181 -37.38 -3.47 10.66
CA GLU B 181 -36.16 -3.79 9.95
C GLU B 181 -36.48 -4.11 8.51
N THR B 182 -35.91 -3.35 7.59
CA THR B 182 -36.04 -3.57 6.15
C THR B 182 -34.66 -3.54 5.54
N GLN B 183 -34.58 -3.81 4.24
CA GLN B 183 -33.28 -3.84 3.56
C GLN B 183 -33.31 -2.86 2.40
N SER B 184 -32.24 -2.07 2.29
CA SER B 184 -32.18 -0.94 1.37
C SER B 184 -30.86 -0.92 0.63
N LEU B 185 -30.86 -0.20 -0.49
CA LEU B 185 -29.69 -0.08 -1.36
C LEU B 185 -29.11 1.34 -1.41
N ALA B 186 -27.79 1.40 -1.50
CA ALA B 186 -27.11 2.63 -1.84
C ALA B 186 -25.89 2.29 -2.68
N TYR B 187 -25.45 3.22 -3.51
CA TYR B 187 -24.30 2.97 -4.40
C TYR B 187 -23.30 4.09 -4.33
N THR B 188 -22.05 3.79 -4.69
CA THR B 188 -20.99 4.79 -4.64
C THR B 188 -20.37 5.02 -6.02
N THR B 189 -20.27 6.30 -6.39
CA THR B 189 -19.60 6.72 -7.63
C THR B 189 -18.19 7.23 -7.40
N ASP B 190 -17.70 7.19 -6.15
CA ASP B 190 -16.39 7.72 -5.80
C ASP B 190 -15.65 6.72 -4.90
N ASP B 191 -15.85 5.45 -5.19
CA ASP B 191 -15.29 4.29 -4.47
C ASP B 191 -15.24 4.40 -2.93
N GLY B 192 -16.38 4.81 -2.37
CA GLY B 192 -16.61 4.74 -0.94
C GLY B 192 -16.50 6.04 -0.18
N ALA B 193 -16.12 7.13 -0.83
CA ALA B 193 -16.09 8.43 -0.17
C ALA B 193 -17.50 8.88 0.19
N SER B 194 -18.48 8.53 -0.65
CA SER B 194 -19.88 8.81 -0.38
C SER B 194 -20.78 7.73 -0.99
N TRP B 195 -22.01 7.67 -0.48
CA TRP B 195 -23.02 6.73 -0.99
C TRP B 195 -24.30 7.49 -1.28
N ILE B 196 -24.96 7.11 -2.36
CA ILE B 196 -26.25 7.66 -2.74
C ILE B 196 -27.28 6.56 -2.54
N LYS B 197 -28.27 6.80 -1.70
CA LYS B 197 -29.35 5.84 -1.46
C LYS B 197 -30.35 5.94 -2.59
N LEU B 198 -30.98 4.83 -2.97
CA LEU B 198 -32.15 4.92 -3.85
C LEU B 198 -33.23 5.71 -3.14
N GLY B 199 -34.16 6.28 -3.90
CA GLY B 199 -35.26 7.05 -3.32
C GLY B 199 -36.18 6.18 -2.44
N TYR B 200 -36.93 6.81 -1.56
CA TYR B 200 -37.98 6.12 -0.81
C TYR B 200 -39.21 5.94 -1.67
N GLY B 201 -39.75 4.72 -1.71
CA GLY B 201 -41.04 4.49 -2.34
C GLY B 201 -41.20 3.16 -3.06
N ALA B 202 -42.35 3.02 -3.72
CA ALA B 202 -42.70 1.84 -4.50
C ALA B 202 -41.67 1.65 -5.61
N GLY B 203 -41.18 0.42 -5.75
CA GLY B 203 -40.14 0.09 -6.71
C GLY B 203 -38.76 0.63 -6.36
N GLN B 204 -38.58 1.19 -5.15
CA GLN B 204 -37.31 1.76 -4.73
C GLN B 204 -37.05 1.31 -3.27
N ASN B 205 -36.38 2.13 -2.44
CA ASN B 205 -36.12 1.74 -1.06
C ASN B 205 -37.35 1.82 -0.17
N PRO B 206 -37.43 0.94 0.84
CA PRO B 206 -36.59 -0.27 0.97
C PRO B 206 -36.99 -1.34 -0.04
N VAL B 207 -36.01 -2.14 -0.47
CA VAL B 207 -36.23 -3.15 -1.51
C VAL B 207 -36.73 -4.49 -0.97
N ILE B 208 -36.39 -4.81 0.29
CA ILE B 208 -36.92 -6.00 0.94
C ILE B 208 -37.51 -5.58 2.27
N TYR B 209 -38.81 -5.84 2.43
CA TYR B 209 -39.55 -5.42 3.63
C TYR B 209 -40.56 -6.47 4.17
N GLU B 210 -41.07 -7.35 3.32
CA GLU B 210 -41.96 -8.42 3.78
C GLU B 210 -41.21 -9.48 4.56
N TRP B 211 -41.69 -9.81 5.74
CA TRP B 211 -41.17 -10.95 6.48
C TRP B 211 -41.46 -12.25 5.71
N PRO B 212 -40.45 -13.11 5.53
CA PRO B 212 -40.70 -14.39 4.85
C PRO B 212 -41.48 -15.39 5.70
N GLU B 213 -41.46 -15.25 7.02
CA GLU B 213 -42.24 -16.10 7.93
C GLU B 213 -42.73 -15.18 9.03
N THR B 214 -43.75 -15.60 9.79
CA THR B 214 -44.29 -14.77 10.88
C THR B 214 -43.44 -14.88 12.13
N ASN B 215 -43.64 -13.94 13.05
CA ASN B 215 -43.03 -13.97 14.39
C ASN B 215 -41.50 -14.08 14.39
N LEU B 216 -40.85 -13.28 13.55
CA LEU B 216 -39.39 -13.25 13.49
C LEU B 216 -38.80 -12.66 14.75
N THR B 217 -37.68 -13.22 15.17
CA THR B 217 -36.87 -12.67 16.23
C THR B 217 -35.95 -11.56 15.70
N GLY B 218 -35.71 -11.55 14.39
CA GLY B 218 -34.85 -10.55 13.75
C GLY B 218 -34.90 -10.72 12.25
N PHE B 219 -34.46 -9.68 11.54
CA PHE B 219 -34.54 -9.67 10.09
C PHE B 219 -33.51 -8.67 9.56
N ARG B 220 -32.24 -9.08 9.59
CA ARG B 220 -31.16 -8.13 9.28
C ARG B 220 -29.88 -8.77 8.77
N ASP B 221 -28.96 -7.89 8.39
CA ASP B 221 -27.58 -8.22 8.04
C ASP B 221 -27.52 -8.96 6.72
N PRO B 222 -28.05 -8.34 5.64
CA PRO B 222 -28.09 -8.99 4.35
C PRO B 222 -26.68 -9.23 3.83
N TYR B 223 -26.41 -10.46 3.42
CA TYR B 223 -25.11 -10.88 2.95
C TYR B 223 -25.24 -11.30 1.51
N VAL B 224 -24.70 -10.47 0.61
CA VAL B 224 -24.82 -10.68 -0.82
C VAL B 224 -23.61 -11.46 -1.29
N PHE B 225 -23.84 -12.47 -2.14
CA PHE B 225 -22.75 -13.30 -2.66
C PHE B 225 -23.14 -13.96 -3.97
N GLN B 226 -22.14 -14.16 -4.83
CA GLN B 226 -22.31 -15.02 -6.00
C GLN B 226 -21.91 -16.42 -5.59
N SER B 227 -22.45 -17.40 -6.30
CA SER B 227 -22.23 -18.80 -5.97
C SER B 227 -22.49 -19.68 -7.19
N PRO B 228 -21.44 -19.98 -7.97
CA PRO B 228 -21.55 -21.02 -9.01
C PRO B 228 -22.12 -22.33 -8.48
N ARG B 229 -21.75 -22.69 -7.25
CA ARG B 229 -22.30 -23.86 -6.56
C ARG B 229 -23.82 -23.82 -6.49
N LEU B 230 -24.36 -22.77 -5.87
CA LEU B 230 -25.81 -22.67 -5.72
C LEU B 230 -26.52 -22.54 -7.06
N GLU B 231 -25.92 -21.81 -8.01
CA GLU B 231 -26.49 -21.68 -9.37
C GLU B 231 -26.63 -23.03 -10.06
N ALA B 232 -25.59 -23.86 -9.98
CA ALA B 232 -25.61 -25.22 -10.54
C ALA B 232 -26.70 -26.07 -9.90
N LEU B 233 -26.78 -26.02 -8.56
CA LEU B 233 -27.79 -26.81 -7.83
C LEU B 233 -29.23 -26.38 -8.10
N LEU B 234 -29.45 -25.10 -8.38
CA LEU B 234 -30.80 -24.58 -8.59
C LEU B 234 -31.21 -24.52 -10.06
N ALA B 235 -30.28 -24.77 -10.98
CA ALA B 235 -30.53 -24.59 -12.43
C ALA B 235 -31.74 -25.35 -12.97
N ASN B 236 -32.00 -26.54 -12.43
CA ASN B 236 -33.16 -27.34 -12.87
C ASN B 236 -34.48 -26.97 -12.15
N THR B 237 -34.46 -25.95 -11.29
CA THR B 237 -35.65 -25.51 -10.53
C THR B 237 -36.10 -24.08 -10.84
N THR B 238 -35.41 -23.38 -11.74
CA THR B 238 -35.68 -21.95 -11.94
C THR B 238 -37.04 -21.64 -12.58
N SER B 239 -37.67 -22.63 -13.23
CA SER B 239 -39.04 -22.47 -13.73
C SER B 239 -40.07 -22.44 -12.59
N ILE B 240 -39.74 -23.04 -11.45
CA ILE B 240 -40.64 -23.02 -10.28
C ILE B 240 -40.68 -21.62 -9.62
N THR B 241 -39.53 -20.99 -9.48
CA THR B 241 -39.40 -19.72 -8.76
C THR B 241 -39.26 -18.49 -9.66
N ASN B 242 -38.82 -18.69 -10.90
CA ASN B 242 -38.46 -17.60 -11.84
C ASN B 242 -37.28 -16.71 -11.42
N ALA B 243 -36.55 -17.09 -10.36
CA ALA B 243 -35.41 -16.33 -9.88
C ALA B 243 -34.16 -16.87 -10.59
N THR B 244 -33.58 -16.04 -11.44
CA THR B 244 -32.46 -16.44 -12.29
C THR B 244 -31.27 -15.49 -12.20
N GLY B 245 -31.24 -14.58 -11.23
CA GLY B 245 -30.12 -13.66 -11.09
C GLY B 245 -28.86 -14.35 -10.61
N ASP B 246 -27.73 -13.68 -10.83
CA ASP B 246 -26.43 -14.19 -10.42
C ASP B 246 -26.00 -13.79 -8.98
N HIS B 247 -26.83 -13.07 -8.23
CA HIS B 247 -26.56 -12.77 -6.81
C HIS B 247 -27.55 -13.45 -5.88
N PHE B 248 -27.04 -13.98 -4.77
CA PHE B 248 -27.84 -14.49 -3.68
C PHE B 248 -27.68 -13.54 -2.51
N ALA B 249 -28.62 -13.58 -1.58
CA ALA B 249 -28.48 -12.87 -0.33
C ALA B 249 -29.10 -13.66 0.80
N THR B 250 -28.40 -13.75 1.92
CA THR B 250 -29.01 -14.27 3.14
C THR B 250 -29.41 -13.12 4.04
N ILE B 251 -30.49 -13.33 4.81
CA ILE B 251 -30.87 -12.43 5.88
C ILE B 251 -30.94 -13.25 7.16
N SER B 252 -30.35 -12.70 8.22
CA SER B 252 -30.19 -13.37 9.49
C SER B 252 -31.36 -13.08 10.41
N GLY B 253 -31.85 -14.12 11.07
CA GLY B 253 -32.92 -13.96 12.02
C GLY B 253 -33.25 -15.22 12.82
N GLY B 254 -34.54 -15.48 12.96
CA GLY B 254 -35.05 -16.61 13.71
C GLY B 254 -36.54 -16.48 13.88
N VAL B 255 -37.14 -17.42 14.61
CA VAL B 255 -38.59 -17.45 14.82
C VAL B 255 -38.83 -17.62 16.31
N HIS B 256 -39.70 -16.77 16.88
CA HIS B 256 -39.93 -16.76 18.32
C HIS B 256 -40.29 -18.16 18.82
N GLY B 257 -39.60 -18.61 19.87
CA GLY B 257 -39.82 -19.92 20.45
C GLY B 257 -39.21 -21.11 19.71
N ASP B 258 -38.72 -20.92 18.48
CA ASP B 258 -38.38 -22.04 17.62
C ASP B 258 -36.98 -21.98 16.97
N GLY B 259 -36.09 -21.16 17.51
CA GLY B 259 -34.70 -21.13 17.08
C GLY B 259 -34.36 -20.17 15.93
N ALA B 260 -33.08 -20.12 15.62
CA ALA B 260 -32.54 -19.23 14.61
C ALA B 260 -32.82 -19.70 13.18
N ARG B 261 -32.77 -18.75 12.25
CA ARG B 261 -32.98 -19.00 10.82
C ARG B 261 -32.03 -18.14 10.01
N LEU B 262 -31.47 -18.72 8.94
CA LEU B 262 -30.81 -17.94 7.92
C LEU B 262 -31.66 -18.09 6.67
N PHE B 263 -32.24 -16.98 6.21
CA PHE B 263 -33.15 -16.99 5.08
C PHE B 263 -32.41 -16.73 3.79
N LEU B 264 -32.67 -17.52 2.75
CA LEU B 264 -32.00 -17.38 1.46
C LEU B 264 -32.90 -16.70 0.43
N TYR B 265 -32.34 -15.67 -0.21
CA TYR B 265 -32.99 -14.96 -1.31
C TYR B 265 -32.12 -15.11 -2.53
N ARG B 266 -32.75 -14.99 -3.69
CA ARG B 266 -32.01 -14.90 -4.93
C ARG B 266 -32.51 -13.70 -5.72
N GLN B 267 -31.57 -12.93 -6.24
CA GLN B 267 -31.85 -11.83 -7.15
C GLN B 267 -32.72 -12.37 -8.27
N HIS B 268 -33.83 -11.70 -8.53
CA HIS B 268 -34.82 -12.23 -9.48
C HIS B 268 -34.30 -12.23 -10.90
N THR B 269 -33.63 -11.15 -11.31
CA THR B 269 -33.16 -10.98 -12.67
C THR B 269 -31.78 -10.38 -12.69
N THR B 270 -30.88 -10.98 -13.46
CA THR B 270 -29.53 -10.46 -13.65
C THR B 270 -29.56 -8.98 -14.06
N GLY B 271 -28.67 -8.19 -13.48
CA GLY B 271 -28.53 -6.77 -13.81
C GLY B 271 -29.58 -5.86 -13.20
N GLU B 272 -30.48 -6.41 -12.38
CA GLU B 272 -31.55 -5.64 -11.77
C GLU B 272 -31.58 -5.95 -10.27
N PHE B 273 -31.69 -4.89 -9.46
CA PHE B 273 -31.40 -4.99 -8.03
C PHE B 273 -32.55 -4.65 -7.10
N ILE B 274 -33.74 -4.44 -7.64
CA ILE B 274 -34.90 -4.13 -6.82
C ILE B 274 -35.57 -5.42 -6.29
N LYS B 275 -35.76 -6.41 -7.15
CA LYS B 275 -36.52 -7.61 -6.80
C LYS B 275 -35.61 -8.76 -6.36
N TRP B 276 -35.84 -9.23 -5.14
CA TRP B 276 -35.10 -10.34 -4.55
C TRP B 276 -36.14 -11.36 -4.13
N THR B 277 -36.05 -12.58 -4.65
CA THR B 277 -37.06 -13.61 -4.43
C THR B 277 -36.65 -14.50 -3.27
N TYR B 278 -37.54 -14.63 -2.29
CA TYR B 278 -37.30 -15.50 -1.15
C TYR B 278 -37.42 -16.96 -1.59
N LEU B 279 -36.38 -17.75 -1.37
CA LEU B 279 -36.39 -19.16 -1.76
C LEU B 279 -36.85 -20.01 -0.59
N GLY B 280 -36.20 -19.84 0.56
CA GLY B 280 -36.55 -20.61 1.76
C GLY B 280 -35.46 -20.50 2.80
N PRO B 281 -35.67 -21.12 3.98
CA PRO B 281 -34.63 -21.14 5.02
C PRO B 281 -33.43 -21.99 4.61
N LEU B 282 -32.24 -21.39 4.69
CA LEU B 282 -31.01 -22.08 4.34
C LEU B 282 -30.52 -22.87 5.52
N VAL B 283 -30.46 -22.21 6.67
CA VAL B 283 -30.07 -22.86 7.92
C VAL B 283 -31.19 -22.71 8.92
N THR B 284 -31.57 -23.83 9.53
CA THR B 284 -32.60 -23.87 10.57
C THR B 284 -31.97 -24.60 11.74
N THR B 285 -31.91 -23.95 12.89
CA THR B 285 -31.43 -24.58 14.12
C THR B 285 -32.49 -24.47 15.20
N GLY B 286 -32.31 -25.26 16.25
CA GLY B 286 -33.28 -25.38 17.34
C GLY B 286 -33.09 -24.33 18.41
N TYR B 287 -34.18 -24.05 19.12
CA TYR B 287 -34.16 -23.12 20.24
C TYR B 287 -33.10 -23.50 21.27
N LYS B 288 -32.02 -22.71 21.32
CA LYS B 288 -30.88 -22.97 22.20
C LYS B 288 -30.26 -24.36 22.05
N GLU B 289 -30.34 -24.91 20.84
CA GLU B 289 -29.70 -26.16 20.49
C GLU B 289 -28.18 -25.98 20.52
N SER B 290 -27.46 -27.01 20.95
CA SER B 290 -25.99 -27.03 20.88
C SER B 290 -25.55 -28.30 20.17
N TYR B 291 -24.59 -28.16 19.26
CA TYR B 291 -23.99 -29.30 18.59
C TYR B 291 -22.96 -30.00 19.47
N GLY B 292 -22.55 -29.36 20.56
CA GLY B 292 -21.65 -29.96 21.54
C GLY B 292 -20.62 -29.00 22.10
N GLU B 293 -19.69 -29.55 22.88
CA GLU B 293 -18.67 -28.78 23.63
C GLU B 293 -17.70 -28.00 22.73
N TRP B 294 -17.54 -28.45 21.49
CA TRP B 294 -16.63 -27.83 20.53
C TRP B 294 -17.32 -26.79 19.63
N SER B 295 -18.61 -26.54 19.87
CA SER B 295 -19.46 -25.88 18.88
C SER B 295 -20.33 -24.73 19.41
N GLY B 296 -20.07 -24.24 20.62
CA GLY B 296 -20.90 -23.21 21.23
C GLY B 296 -22.36 -23.60 21.32
N ASN B 297 -23.24 -22.63 21.06
CA ASN B 297 -24.69 -22.82 21.15
C ASN B 297 -25.38 -21.96 20.09
N TYR B 298 -26.40 -22.52 19.44
CA TYR B 298 -27.09 -21.85 18.36
C TYR B 298 -28.10 -20.79 18.79
N GLY B 299 -28.34 -20.66 20.09
CA GLY B 299 -29.17 -19.59 20.65
C GLY B 299 -30.57 -19.51 20.07
N ILE B 300 -31.10 -18.30 19.99
CA ILE B 300 -32.47 -18.04 19.52
C ILE B 300 -32.56 -17.19 18.25
N ASN B 301 -31.44 -16.66 17.79
CA ASN B 301 -31.45 -15.69 16.69
C ASN B 301 -30.05 -15.58 16.10
N PHE B 302 -29.95 -15.52 14.78
CA PHE B 302 -28.69 -15.29 14.10
C PHE B 302 -28.48 -13.81 13.79
N GLU B 303 -27.21 -13.40 13.84
CA GLU B 303 -26.76 -12.10 13.37
C GLU B 303 -25.51 -12.26 12.48
N THR B 304 -25.35 -11.28 11.58
CA THR B 304 -24.17 -11.13 10.71
C THR B 304 -23.74 -12.42 10.03
N ALA B 305 -24.69 -13.21 9.57
CA ALA B 305 -24.36 -14.49 8.94
C ALA B 305 -23.87 -14.28 7.51
N GLY B 306 -22.92 -15.11 7.10
CA GLY B 306 -22.41 -15.14 5.74
C GLY B 306 -22.25 -16.56 5.22
N VAL B 307 -22.05 -16.67 3.91
CA VAL B 307 -21.93 -17.94 3.19
C VAL B 307 -20.69 -17.86 2.32
N THR B 308 -19.83 -18.86 2.40
CA THR B 308 -18.66 -18.94 1.54
C THR B 308 -18.39 -20.41 1.13
N ARG B 309 -17.40 -20.59 0.27
CA ARG B 309 -16.95 -21.90 -0.19
C ARG B 309 -15.45 -21.81 -0.27
N LEU B 310 -14.78 -22.76 0.37
CA LEU B 310 -13.34 -22.73 0.54
C LEU B 310 -12.72 -24.05 0.10
N ASN B 311 -11.44 -24.00 -0.21
CA ASN B 311 -10.64 -25.20 -0.45
C ASN B 311 -9.33 -25.02 0.29
N PRO B 312 -8.38 -25.98 0.17
CA PRO B 312 -7.19 -25.82 0.99
C PRO B 312 -6.32 -24.58 0.71
N ALA B 313 -6.46 -23.99 -0.47
CA ALA B 313 -5.68 -22.79 -0.83
C ALA B 313 -6.38 -21.46 -0.50
N GLY B 314 -7.67 -21.47 -0.16
CA GLY B 314 -8.41 -20.23 0.09
C GLY B 314 -9.84 -20.32 -0.38
N ALA B 315 -10.28 -19.33 -1.15
CA ALA B 315 -11.65 -19.26 -1.67
C ALA B 315 -11.80 -20.17 -2.87
N ALA B 316 -12.96 -20.81 -2.99
CA ALA B 316 -13.25 -21.74 -4.08
C ALA B 316 -14.44 -21.21 -4.85
N TRP B 317 -14.26 -21.04 -6.17
CA TRP B 317 -15.32 -20.53 -7.04
C TRP B 317 -15.81 -21.57 -8.07
N ASP B 318 -15.60 -22.85 -7.77
CA ASP B 318 -16.11 -23.95 -8.59
C ASP B 318 -17.60 -24.18 -8.36
N ASN B 319 -18.22 -24.93 -9.27
CA ASN B 319 -19.66 -25.22 -9.22
C ASN B 319 -20.04 -26.49 -8.44
N GLY B 320 -19.08 -27.09 -7.73
CA GLY B 320 -19.27 -28.40 -7.10
C GLY B 320 -18.23 -29.40 -7.55
N SER B 321 -17.59 -29.16 -8.70
CA SER B 321 -16.61 -30.07 -9.29
C SER B 321 -15.30 -30.23 -8.51
N ASP B 322 -14.91 -29.24 -7.71
CA ASP B 322 -13.72 -29.37 -6.87
C ASP B 322 -14.09 -30.18 -5.63
N THR B 323 -13.59 -31.42 -5.57
CA THR B 323 -13.90 -32.35 -4.48
C THR B 323 -13.17 -31.98 -3.18
N THR B 324 -12.15 -31.12 -3.26
CA THR B 324 -11.47 -30.61 -2.05
C THR B 324 -12.19 -29.40 -1.41
N ALA B 325 -13.18 -28.83 -2.11
CA ALA B 325 -13.85 -27.63 -1.63
C ALA B 325 -14.99 -27.96 -0.68
N VAL B 326 -15.22 -27.07 0.29
CA VAL B 326 -16.23 -27.25 1.33
C VAL B 326 -17.08 -25.97 1.46
N ASP B 327 -18.39 -26.13 1.55
CA ASP B 327 -19.31 -25.02 1.79
C ASP B 327 -19.38 -24.70 3.29
N PHE B 328 -19.27 -23.41 3.63
CA PHE B 328 -19.32 -22.95 5.02
C PHE B 328 -20.32 -21.82 5.20
N VAL B 329 -20.90 -21.76 6.39
CA VAL B 329 -21.71 -20.64 6.85
C VAL B 329 -21.04 -20.16 8.12
N THR B 330 -20.93 -18.83 8.27
CA THR B 330 -20.44 -18.21 9.49
C THR B 330 -21.59 -17.38 10.04
N PHE B 331 -21.71 -17.29 11.36
CA PHE B 331 -22.88 -16.66 11.96
C PHE B 331 -22.68 -16.41 13.44
N GLY B 332 -23.22 -15.29 13.90
CA GLY B 332 -23.32 -15.01 15.32
C GLY B 332 -24.63 -15.55 15.85
N THR B 333 -24.64 -15.98 17.12
CA THR B 333 -25.90 -16.39 17.77
C THR B 333 -26.10 -15.60 19.03
N GLU B 334 -27.37 -15.37 19.37
CA GLU B 334 -27.76 -14.62 20.56
C GLU B 334 -28.51 -15.49 21.56
N GLN B 335 -28.25 -15.22 22.84
CA GLN B 335 -28.99 -15.79 23.97
C GLN B 335 -28.78 -17.29 24.17
N GLY B 336 -27.67 -17.83 23.67
CA GLY B 336 -27.27 -19.21 23.93
C GLY B 336 -26.02 -19.30 24.78
N ARG B 337 -25.73 -18.23 25.53
CA ARG B 337 -24.48 -18.13 26.29
C ARG B 337 -24.73 -17.25 27.50
N ALA B 338 -24.16 -17.64 28.64
CA ALA B 338 -24.39 -16.95 29.92
C ALA B 338 -23.50 -15.73 30.13
N ASP B 339 -22.45 -15.59 29.32
CA ASP B 339 -21.52 -14.48 29.42
C ASP B 339 -21.10 -14.07 27.99
N HIS B 340 -20.04 -13.29 27.84
CA HIS B 340 -19.62 -12.77 26.51
C HIS B 340 -20.80 -12.11 25.78
N GLN B 341 -21.51 -11.25 26.53
CA GLN B 341 -22.69 -10.52 26.04
C GLN B 341 -23.73 -11.43 25.37
N ASN B 342 -23.82 -12.66 25.88
CA ASN B 342 -24.72 -13.70 25.36
C ASN B 342 -24.52 -14.07 23.89
N HIS B 343 -23.29 -13.93 23.40
CA HIS B 343 -22.98 -13.99 21.97
C HIS B 343 -21.90 -15.02 21.62
N TRP B 344 -22.20 -15.87 20.64
CA TRP B 344 -21.24 -16.82 20.08
C TRP B 344 -21.01 -16.47 18.61
N PRO B 345 -19.74 -16.28 18.20
CA PRO B 345 -19.41 -16.23 16.79
C PRO B 345 -19.02 -17.62 16.30
N LEU B 346 -19.87 -18.21 15.47
CA LEU B 346 -19.75 -19.60 15.07
C LEU B 346 -19.54 -19.76 13.58
N TRP B 347 -19.24 -21.00 13.19
CA TRP B 347 -19.22 -21.40 11.78
C TRP B 347 -19.65 -22.84 11.66
N ALA B 348 -20.10 -23.22 10.47
CA ALA B 348 -20.49 -24.61 10.20
C ALA B 348 -20.11 -24.99 8.79
N ALA B 349 -19.58 -26.20 8.62
CA ALA B 349 -19.44 -26.80 7.29
C ALA B 349 -20.80 -27.42 6.95
N VAL B 350 -21.28 -27.24 5.73
CA VAL B 350 -22.63 -27.68 5.37
C VAL B 350 -22.65 -28.46 4.09
N ASP B 351 -23.64 -29.35 3.95
CA ASP B 351 -23.92 -30.04 2.68
C ASP B 351 -25.26 -29.54 2.16
N TYR B 352 -25.28 -28.98 0.95
CA TYR B 352 -26.50 -28.42 0.38
C TYR B 352 -27.38 -29.52 -0.21
N GLU B 353 -28.70 -29.41 0.02
CA GLU B 353 -29.71 -30.26 -0.61
C GLU B 353 -30.74 -29.36 -1.27
N VAL B 354 -31.22 -29.77 -2.44
CA VAL B 354 -32.22 -29.00 -3.19
C VAL B 354 -33.61 -29.48 -2.78
N ARG B 355 -34.46 -28.57 -2.32
CA ARG B 355 -35.85 -28.87 -1.98
C ARG B 355 -36.71 -28.87 -3.24
N ASP B 356 -37.89 -29.47 -3.14
CA ASP B 356 -38.84 -29.53 -4.27
C ASP B 356 -39.30 -28.16 -4.75
N ASN B 357 -39.44 -27.20 -3.84
CA ASN B 357 -39.87 -25.84 -4.21
C ASN B 357 -38.78 -24.91 -4.78
N GLY B 358 -37.62 -25.46 -5.12
CA GLY B 358 -36.54 -24.69 -5.72
C GLY B 358 -35.78 -23.84 -4.71
N SER B 359 -35.63 -24.36 -3.49
CA SER B 359 -34.86 -23.73 -2.42
C SER B 359 -33.74 -24.68 -1.98
N ILE B 360 -32.92 -24.25 -1.02
CA ILE B 360 -31.73 -24.99 -0.59
C ILE B 360 -31.75 -25.18 0.92
N GLU B 361 -31.56 -26.42 1.36
CA GLU B 361 -31.32 -26.70 2.78
C GLU B 361 -29.83 -26.95 3.00
N ALA B 362 -29.24 -26.20 3.92
CA ALA B 362 -27.85 -26.39 4.30
C ALA B 362 -27.84 -27.25 5.53
N VAL B 363 -27.43 -28.50 5.36
CA VAL B 363 -27.38 -29.48 6.44
C VAL B 363 -26.01 -29.43 7.09
N ILE B 364 -25.96 -29.19 8.39
CA ILE B 364 -24.70 -28.99 9.09
C ILE B 364 -23.94 -30.34 9.18
N ALA B 365 -22.71 -30.38 8.65
CA ALA B 365 -21.85 -31.57 8.67
C ALA B 365 -20.93 -31.57 9.89
N TYR B 366 -20.37 -30.40 10.20
CA TYR B 366 -19.68 -30.17 11.46
C TYR B 366 -19.71 -28.67 11.77
N SER B 367 -19.42 -28.31 13.02
CA SER B 367 -19.78 -26.97 13.49
C SER B 367 -18.78 -26.54 14.54
N GLY B 368 -18.22 -25.34 14.37
CA GLY B 368 -17.19 -24.81 15.24
C GLY B 368 -17.42 -23.37 15.67
N VAL B 369 -16.36 -22.81 16.25
CA VAL B 369 -16.35 -21.51 16.86
C VAL B 369 -15.29 -20.68 16.11
N GLN B 370 -15.68 -19.49 15.66
CA GLN B 370 -14.74 -18.64 14.93
C GLN B 370 -13.76 -17.92 15.88
N ASP B 371 -14.22 -17.59 17.08
CA ASP B 371 -13.37 -16.99 18.11
C ASP B 371 -14.03 -17.26 19.45
N TRP B 372 -13.23 -17.67 20.45
CA TRP B 372 -13.76 -18.13 21.74
C TRP B 372 -13.84 -17.04 22.78
N GLY B 373 -13.34 -15.83 22.47
CA GLY B 373 -13.29 -14.75 23.44
C GLY B 373 -14.30 -13.62 23.20
N ARG B 374 -13.88 -12.42 23.56
CA ARG B 374 -14.75 -11.22 23.52
C ARG B 374 -14.77 -10.60 22.11
N SER B 375 -15.19 -11.39 21.14
CA SER B 375 -15.38 -10.90 19.78
C SER B 375 -16.65 -11.47 19.21
N TYR B 376 -17.15 -10.82 18.16
CA TYR B 376 -18.44 -11.11 17.57
C TYR B 376 -18.55 -10.35 16.25
N ALA B 377 -19.57 -10.68 15.47
CA ALA B 377 -19.96 -9.94 14.28
C ALA B 377 -18.90 -10.05 13.18
N TYR B 378 -18.45 -11.28 12.95
CA TYR B 378 -17.48 -11.55 11.91
C TYR B 378 -18.12 -11.38 10.53
N ALA B 379 -17.41 -10.71 9.64
CA ALA B 379 -17.80 -10.60 8.23
C ALA B 379 -16.67 -11.16 7.38
N SER B 380 -17.00 -11.80 6.26
CA SER B 380 -16.00 -12.23 5.32
C SER B 380 -16.32 -11.71 3.93
N PHE B 381 -15.27 -11.53 3.14
CA PHE B 381 -15.42 -10.95 1.81
C PHE B 381 -14.32 -11.46 0.89
N PRO B 382 -14.60 -11.49 -0.41
CA PRO B 382 -13.63 -12.03 -1.36
C PRO B 382 -12.53 -11.03 -1.67
N VAL B 383 -11.31 -11.54 -1.84
CA VAL B 383 -10.14 -10.75 -2.17
C VAL B 383 -9.42 -11.43 -3.34
N GLU B 384 -8.79 -10.62 -4.19
CA GLU B 384 -8.00 -11.07 -5.35
C GLU B 384 -7.06 -12.22 -5.00
N GLY B 385 -6.89 -13.15 -5.93
CA GLY B 385 -5.98 -14.29 -5.75
C GLY B 385 -6.65 -15.42 -4.98
N TYR B 386 -7.96 -15.59 -5.21
CA TYR B 386 -8.75 -16.67 -4.61
C TYR B 386 -8.67 -16.70 -3.08
N ARG B 387 -8.94 -15.55 -2.46
CA ARG B 387 -8.94 -15.43 -0.99
C ARG B 387 -10.31 -15.06 -0.48
N GLN B 388 -10.62 -15.54 0.72
CA GLN B 388 -11.77 -15.10 1.49
C GLN B 388 -11.23 -14.62 2.83
N VAL B 389 -11.45 -13.34 3.13
CA VAL B 389 -10.87 -12.71 4.30
C VAL B 389 -11.96 -12.36 5.29
N SER B 390 -11.71 -12.65 6.57
CA SER B 390 -12.70 -12.50 7.62
C SER B 390 -12.15 -11.55 8.68
N VAL B 391 -13.03 -10.72 9.22
CA VAL B 391 -12.65 -9.80 10.31
C VAL B 391 -13.86 -9.64 11.22
N GLY B 392 -13.58 -9.46 12.52
CA GLY B 392 -14.62 -9.29 13.52
C GLY B 392 -14.43 -8.08 14.40
N TRP B 393 -15.29 -7.96 15.40
CA TRP B 393 -15.27 -6.85 16.35
C TRP B 393 -14.92 -7.37 17.73
N ILE B 394 -13.94 -6.75 18.38
CA ILE B 394 -13.55 -7.07 19.75
C ILE B 394 -14.14 -5.98 20.64
N TYR B 395 -15.06 -6.37 21.51
CA TYR B 395 -15.66 -5.44 22.47
C TYR B 395 -14.71 -5.25 23.66
N GLU B 396 -14.97 -4.20 24.44
CA GLU B 396 -14.20 -3.94 25.66
C GLU B 396 -14.65 -4.94 26.76
N ASP B 397 -13.96 -4.94 27.91
CA ASP B 397 -14.43 -5.73 29.07
C ASP B 397 -14.77 -4.79 30.22
N ASP B 398 -15.77 -3.95 29.96
CA ASP B 398 -16.25 -2.94 30.90
C ASP B 398 -17.78 -2.91 30.75
N ASP B 399 -18.43 -4.05 30.95
CA ASP B 399 -19.86 -4.18 30.64
C ASP B 399 -20.80 -3.30 31.48
N ASN B 400 -20.34 -2.82 32.62
CA ASN B 400 -21.12 -1.83 33.42
C ASN B 400 -20.81 -0.37 33.06
N VAL B 401 -19.97 -0.14 32.05
CA VAL B 401 -19.74 1.20 31.50
C VAL B 401 -19.16 2.13 32.57
N ILE B 402 -18.20 1.62 33.35
CA ILE B 402 -17.61 2.37 34.47
C ILE B 402 -16.57 3.39 34.00
N LEU B 403 -15.72 3.00 33.05
CA LEU B 403 -14.66 3.89 32.55
C LEU B 403 -14.76 4.25 31.04
N ALA B 404 -15.92 3.97 30.43
CA ALA B 404 -16.13 4.21 29.01
C ALA B 404 -15.93 5.68 28.64
N LYS B 405 -16.53 6.57 29.41
CA LYS B 405 -16.37 8.00 29.18
C LYS B 405 -14.92 8.46 29.33
N GLN B 406 -14.24 7.90 30.32
CA GLN B 406 -12.82 8.21 30.54
C GLN B 406 -11.95 7.70 29.38
N PHE B 407 -12.30 6.53 28.82
CA PHE B 407 -11.64 6.07 27.57
C PHE B 407 -11.88 7.08 26.43
N GLY B 408 -13.13 7.48 26.24
CA GLY B 408 -13.52 8.30 25.10
C GLY B 408 -13.70 7.50 23.80
N TYR B 409 -13.72 6.18 23.89
CA TYR B 409 -13.95 5.28 22.76
C TYR B 409 -14.34 3.91 23.32
N GLN B 410 -14.98 3.08 22.48
CA GLN B 410 -15.21 1.66 22.76
C GLN B 410 -15.05 0.84 21.48
N GLY B 411 -14.29 -0.24 21.55
CA GLY B 411 -14.26 -1.26 20.51
C GLY B 411 -13.08 -1.17 19.55
N ALA B 412 -12.76 -2.30 18.94
CA ALA B 412 -11.77 -2.39 17.87
C ALA B 412 -12.13 -3.57 16.98
N PHE B 413 -11.44 -3.70 15.85
CA PHE B 413 -11.55 -4.91 15.04
C PHE B 413 -10.58 -5.96 15.59
N THR B 414 -10.81 -7.20 15.18
CA THR B 414 -9.80 -8.25 15.23
C THR B 414 -8.78 -7.95 14.14
N LEU B 415 -7.78 -8.81 14.01
CA LEU B 415 -6.94 -8.80 12.82
C LEU B 415 -7.74 -9.42 11.67
N PHE B 416 -7.30 -9.14 10.44
CA PHE B 416 -7.91 -9.70 9.26
C PHE B 416 -7.33 -11.09 9.04
N ARG B 417 -8.19 -12.05 8.72
CA ARG B 417 -7.83 -13.47 8.70
C ARG B 417 -8.15 -14.08 7.35
N ASP B 418 -7.18 -14.75 6.75
CA ASP B 418 -7.48 -15.60 5.60
C ASP B 418 -8.21 -16.86 6.10
N LEU B 419 -9.31 -17.19 5.44
CA LEU B 419 -10.00 -18.45 5.62
C LEU B 419 -9.57 -19.44 4.53
N PHE B 420 -9.54 -20.71 4.91
CA PHE B 420 -9.18 -21.81 4.02
C PHE B 420 -9.62 -23.13 4.66
N VAL B 421 -9.56 -24.22 3.91
CA VAL B 421 -9.80 -25.56 4.46
C VAL B 421 -8.49 -26.07 4.99
N LYS B 422 -8.40 -26.21 6.31
CA LYS B 422 -7.23 -26.82 6.91
C LYS B 422 -7.31 -28.35 6.74
N VAL B 423 -6.24 -28.93 6.19
CA VAL B 423 -6.14 -30.38 5.95
C VAL B 423 -4.97 -30.90 6.78
N VAL B 424 -5.21 -31.92 7.62
CA VAL B 424 -4.13 -32.59 8.37
C VAL B 424 -4.12 -34.07 7.98
N GLU B 425 -3.03 -34.49 7.33
CA GLU B 425 -2.87 -35.87 6.87
C GLU B 425 -2.19 -36.73 7.94
N ASN B 426 -2.33 -38.04 7.79
CA ASN B 426 -1.61 -39.02 8.62
C ASN B 426 -1.91 -38.88 10.10
N VAL B 427 -3.16 -38.58 10.43
CA VAL B 427 -3.57 -38.45 11.82
C VAL B 427 -3.78 -39.85 12.40
N SER B 428 -3.24 -40.06 13.60
CA SER B 428 -3.37 -41.32 14.32
C SER B 428 -4.81 -41.52 14.82
N PRO B 429 -5.39 -42.69 14.55
CA PRO B 429 -6.73 -42.99 15.06
C PRO B 429 -6.86 -43.06 16.58
N SER B 430 -5.74 -43.15 17.30
CA SER B 430 -5.75 -43.11 18.75
C SER B 430 -5.71 -41.68 19.34
N THR B 431 -5.72 -40.65 18.49
CA THR B 431 -5.95 -39.28 18.97
C THR B 431 -7.22 -39.28 19.84
N PRO B 432 -7.11 -38.90 21.13
CA PRO B 432 -8.31 -38.89 21.98
C PRO B 432 -9.48 -38.06 21.39
N GLY B 433 -10.68 -38.62 21.48
CA GLY B 433 -11.90 -37.99 21.00
C GLY B 433 -11.99 -37.65 19.51
N LEU B 434 -11.14 -38.26 18.67
CA LEU B 434 -11.09 -37.89 17.26
C LEU B 434 -12.42 -38.08 16.54
N PHE B 435 -13.17 -39.11 16.92
CA PHE B 435 -14.40 -39.44 16.20
C PHE B 435 -15.69 -38.87 16.84
N GLU B 436 -15.54 -38.07 17.90
CA GLU B 436 -16.64 -37.22 18.43
C GLU B 436 -17.26 -36.21 17.47
N GLN B 437 -18.53 -35.91 17.74
CA GLN B 437 -19.28 -34.91 17.00
C GLN B 437 -18.77 -33.54 17.42
N ALA B 438 -17.93 -32.91 16.59
CA ALA B 438 -17.33 -31.66 16.94
C ALA B 438 -17.15 -30.79 15.68
N SER B 439 -15.96 -30.20 15.51
CA SER B 439 -15.72 -29.12 14.57
C SER B 439 -14.73 -29.51 13.47
N TRP B 440 -14.71 -30.80 13.11
CA TRP B 440 -13.85 -31.29 12.03
C TRP B 440 -14.48 -32.53 11.43
N SER B 441 -13.96 -32.91 10.27
CA SER B 441 -14.36 -34.12 9.56
C SER B 441 -13.19 -35.10 9.55
N THR B 442 -13.49 -36.39 9.56
CA THR B 442 -12.46 -37.45 9.45
C THR B 442 -12.75 -38.31 8.26
N LYS B 443 -11.71 -38.66 7.52
CA LYS B 443 -11.80 -39.60 6.40
C LYS B 443 -10.73 -40.67 6.64
N ASN B 444 -11.17 -41.89 6.93
CA ASN B 444 -10.26 -43.02 7.17
C ASN B 444 -9.48 -43.38 5.91
N SER B 445 -8.23 -43.79 6.08
CA SER B 445 -7.49 -44.48 5.02
C SER B 445 -8.14 -45.82 4.73
N THR B 446 -7.81 -46.43 3.59
CA THR B 446 -8.37 -47.73 3.20
C THR B 446 -8.12 -48.82 4.25
N ASP B 447 -6.91 -48.86 4.79
CA ASP B 447 -6.52 -49.85 5.81
C ASP B 447 -6.97 -49.51 7.25
N GLY B 448 -7.61 -48.37 7.46
CA GLY B 448 -8.08 -47.95 8.78
C GLY B 448 -7.00 -47.49 9.75
N MET B 449 -5.74 -47.39 9.31
CA MET B 449 -4.59 -47.08 10.20
C MET B 449 -4.25 -45.59 10.29
N SER B 450 -4.80 -44.78 9.40
CA SER B 450 -4.65 -43.31 9.49
C SER B 450 -5.92 -42.59 9.05
N VAL B 451 -5.97 -41.31 9.40
CA VAL B 451 -7.13 -40.46 9.14
C VAL B 451 -6.64 -39.13 8.52
N THR B 452 -7.43 -38.59 7.59
CA THR B 452 -7.24 -37.22 7.10
C THR B 452 -8.30 -36.36 7.78
N VAL B 453 -7.84 -35.35 8.53
CA VAL B 453 -8.71 -34.40 9.21
C VAL B 453 -8.89 -33.15 8.32
N THR B 454 -10.14 -32.70 8.23
CA THR B 454 -10.49 -31.45 7.54
C THR B 454 -11.26 -30.54 8.52
N THR B 455 -10.91 -29.25 8.54
CA THR B 455 -11.65 -28.25 9.33
C THR B 455 -11.48 -26.83 8.73
N LEU B 456 -12.10 -25.83 9.35
CA LEU B 456 -11.94 -24.43 8.94
C LEU B 456 -10.58 -23.95 9.44
N GLY B 457 -9.74 -23.52 8.51
CA GLY B 457 -8.49 -22.83 8.87
C GLY B 457 -8.69 -21.32 8.95
N GLN B 458 -7.99 -20.69 9.90
CA GLN B 458 -7.93 -19.23 10.01
C GLN B 458 -6.49 -18.83 10.28
N ARG B 459 -5.96 -17.89 9.51
CA ARG B 459 -4.63 -17.35 9.79
C ARG B 459 -4.59 -15.87 9.44
N VAL B 460 -3.82 -15.11 10.21
CA VAL B 460 -3.72 -13.67 10.02
C VAL B 460 -3.13 -13.45 8.62
N VAL B 461 -3.73 -12.51 7.89
CA VAL B 461 -3.30 -12.22 6.52
C VAL B 461 -1.80 -11.96 6.46
N PRO B 462 -1.10 -12.56 5.48
CA PRO B 462 0.38 -12.43 5.45
C PRO B 462 0.91 -10.99 5.33
N GLU B 463 0.13 -10.09 4.74
CA GLU B 463 0.51 -8.68 4.64
C GLU B 463 0.72 -8.08 6.03
N THR B 464 -0.14 -8.45 6.98
CA THR B 464 -0.04 -7.95 8.34
C THR B 464 1.13 -8.58 9.08
N LEU B 465 1.30 -9.90 8.95
CA LEU B 465 2.43 -10.57 9.59
C LEU B 465 3.77 -9.99 9.10
N ALA B 466 3.90 -9.82 7.79
CA ALA B 466 5.12 -9.23 7.20
C ALA B 466 5.36 -7.80 7.68
N ALA B 467 4.31 -6.97 7.66
CA ALA B 467 4.43 -5.59 8.13
C ALA B 467 4.78 -5.52 9.62
N TYR B 468 4.13 -6.32 10.43
CA TYR B 468 4.41 -6.40 11.87
C TYR B 468 5.86 -6.80 12.16
N LYS B 469 6.29 -7.89 11.55
CA LYS B 469 7.65 -8.38 11.76
C LYS B 469 8.69 -7.39 11.26
N GLY B 470 8.50 -6.86 10.06
CA GLY B 470 9.47 -5.95 9.45
C GLY B 470 9.62 -4.62 10.17
N ASN B 471 8.55 -4.11 10.75
CA ASN B 471 8.61 -2.86 11.53
C ASN B 471 9.01 -3.05 12.99
N SER B 472 8.95 -4.27 13.50
CA SER B 472 9.29 -4.55 14.90
C SER B 472 10.81 -4.76 15.10
N THR B 473 11.26 -4.57 16.34
CA THR B 473 12.54 -5.12 16.79
C THR B 473 12.33 -6.59 17.13
N VAL B 474 12.89 -7.47 16.32
CA VAL B 474 12.68 -8.90 16.43
C VAL B 474 13.78 -9.53 17.28
N SER B 475 13.40 -10.31 18.29
CA SER B 475 14.33 -11.12 19.06
C SER B 475 13.98 -12.58 18.85
N THR B 476 14.92 -13.34 18.27
CA THR B 476 14.76 -14.78 18.13
C THR B 476 15.38 -15.42 19.36
N LEU B 477 14.57 -16.15 20.13
CA LEU B 477 14.97 -16.64 21.44
C LEU B 477 15.40 -18.10 21.34
N ALA B 478 16.34 -18.49 22.21
CA ALA B 478 16.84 -19.87 22.23
C ALA B 478 15.73 -20.82 22.65
N PRO B 479 15.69 -22.02 22.05
CA PRO B 479 14.70 -22.99 22.51
C PRO B 479 14.92 -23.38 23.97
N VAL B 480 13.86 -23.86 24.62
CA VAL B 480 13.86 -24.10 26.06
C VAL B 480 13.18 -25.44 26.31
N MET B 481 13.84 -26.32 27.07
CA MET B 481 13.19 -27.51 27.62
C MET B 481 12.64 -27.14 28.99
N LEU B 482 11.33 -27.26 29.14
CA LEU B 482 10.67 -27.06 30.41
C LEU B 482 10.61 -28.41 31.10
N ASN B 483 11.40 -28.56 32.16
CA ASN B 483 11.53 -29.84 32.89
C ASN B 483 11.43 -29.59 34.41
N GLU B 484 12.04 -30.47 35.23
CA GLU B 484 12.06 -30.33 36.70
C GLU B 484 12.60 -28.99 37.20
N SER B 485 13.51 -28.39 36.43
CA SER B 485 14.14 -27.12 36.81
C SER B 485 13.37 -25.85 36.39
N ALA B 486 12.25 -26.00 35.67
CA ALA B 486 11.51 -24.86 35.14
C ALA B 486 10.79 -24.11 36.25
N ALA B 487 11.02 -22.80 36.34
CA ALA B 487 10.19 -21.95 37.20
C ALA B 487 8.74 -21.90 36.68
N ALA B 488 7.83 -21.42 37.53
CA ALA B 488 6.43 -21.22 37.13
C ALA B 488 6.36 -20.22 35.97
N TYR B 489 7.11 -19.13 36.10
CA TYR B 489 7.22 -18.08 35.10
C TYR B 489 8.70 -17.78 34.83
N THR B 490 9.07 -17.78 33.55
CA THR B 490 10.43 -17.46 33.13
C THR B 490 10.41 -16.31 32.11
N PRO B 491 10.77 -15.08 32.53
CA PRO B 491 10.82 -13.97 31.57
C PRO B 491 11.71 -14.29 30.36
N PHE B 492 11.31 -13.83 29.18
CA PHE B 492 12.14 -14.00 27.99
C PHE B 492 13.44 -13.23 28.16
N SER B 493 14.49 -13.69 27.49
CA SER B 493 15.80 -13.04 27.55
C SER B 493 15.78 -11.62 26.97
N SER B 494 14.86 -11.36 26.04
CA SER B 494 14.52 -10.00 25.60
C SER B 494 13.09 -9.69 25.99
N GLN B 495 12.84 -8.45 26.41
CA GLN B 495 11.54 -8.03 26.90
C GLN B 495 10.90 -7.00 25.96
N PRO B 496 9.56 -6.97 25.92
CA PRO B 496 8.90 -5.86 25.19
C PRO B 496 9.22 -4.51 25.82
N THR B 497 9.08 -3.44 25.05
CA THR B 497 9.28 -2.08 25.56
C THR B 497 7.97 -1.34 25.80
N ASP B 498 6.83 -1.91 25.39
CA ASP B 498 5.51 -1.27 25.54
C ASP B 498 4.42 -2.34 25.33
N ARG B 499 3.17 -1.93 25.15
CA ARG B 499 2.05 -2.86 25.07
C ARG B 499 1.68 -3.26 23.63
N PHE B 500 2.68 -3.28 22.75
CA PHE B 500 2.47 -3.54 21.35
C PHE B 500 3.52 -4.54 20.89
N TYR B 501 3.15 -5.82 20.90
CA TYR B 501 4.07 -6.87 20.51
C TYR B 501 3.38 -8.17 20.13
N ALA B 502 4.15 -9.03 19.44
CA ALA B 502 3.71 -10.37 19.12
C ALA B 502 4.70 -11.39 19.67
N LEU B 503 4.18 -12.54 20.03
CA LEU B 503 4.96 -13.69 20.47
C LEU B 503 4.61 -14.85 19.60
N THR B 504 5.58 -15.71 19.34
CA THR B 504 5.30 -16.98 18.70
C THR B 504 6.12 -18.09 19.35
N GLY B 505 5.60 -19.30 19.30
CA GLY B 505 6.30 -20.46 19.85
C GLY B 505 5.60 -21.76 19.48
N SER B 506 6.39 -22.83 19.38
CA SER B 506 5.89 -24.19 19.19
C SER B 506 6.16 -24.96 20.47
N PHE B 507 5.10 -25.49 21.08
CA PHE B 507 5.17 -26.22 22.31
C PHE B 507 5.00 -27.69 21.98
N GLU B 508 6.04 -28.49 22.24
CA GLU B 508 6.01 -29.92 21.95
C GLU B 508 5.72 -30.69 23.25
N PHE B 509 4.60 -31.41 23.27
CA PHE B 509 4.13 -32.12 24.46
C PHE B 509 4.20 -33.62 24.23
N GLY B 510 4.51 -34.37 25.29
CA GLY B 510 4.37 -35.83 25.26
C GLY B 510 2.92 -36.20 25.05
N LEU B 511 2.68 -37.33 24.37
CA LEU B 511 1.32 -37.76 24.06
C LEU B 511 0.43 -38.00 25.29
N ASN B 512 1.02 -38.38 26.41
CA ASN B 512 0.27 -38.62 27.65
C ASN B 512 0.63 -37.63 28.75
N THR B 513 1.05 -36.42 28.35
CA THR B 513 1.44 -35.39 29.31
C THR B 513 0.29 -34.99 30.22
N THR B 514 0.64 -34.58 31.43
CA THR B 514 -0.26 -33.86 32.31
C THR B 514 0.34 -32.49 32.65
N ALA B 515 1.39 -32.09 31.93
CA ALA B 515 2.01 -30.78 32.13
C ALA B 515 1.17 -29.70 31.43
N LYS B 516 1.34 -28.46 31.87
CA LYS B 516 0.74 -27.29 31.22
C LYS B 516 1.85 -26.30 30.90
N ALA B 517 1.68 -25.57 29.80
CA ALA B 517 2.62 -24.51 29.45
C ALA B 517 1.94 -23.41 28.63
N GLY B 518 2.63 -22.29 28.51
CA GLY B 518 2.14 -21.19 27.66
C GLY B 518 2.92 -19.91 27.85
N PHE B 519 2.21 -18.78 27.74
CA PHE B 519 2.82 -17.46 27.76
C PHE B 519 2.15 -16.59 28.80
N ARG B 520 2.96 -15.85 29.53
CA ARG B 520 2.49 -14.76 30.36
C ARG B 520 2.78 -13.46 29.63
N VAL B 521 1.82 -12.54 29.62
CA VAL B 521 1.96 -11.25 28.90
C VAL B 521 1.47 -10.09 29.75
N LEU B 522 1.79 -8.87 29.32
CA LEU B 522 1.45 -7.64 30.02
C LEU B 522 1.74 -7.78 31.53
N ALA B 523 2.98 -8.17 31.80
CA ALA B 523 3.39 -8.67 33.10
C ALA B 523 4.37 -7.76 33.81
N SER B 524 4.02 -7.39 35.03
CA SER B 524 4.96 -6.92 36.05
C SER B 524 4.80 -7.88 37.24
N GLU B 525 5.40 -7.56 38.37
CA GLU B 525 5.23 -8.36 39.59
C GLU B 525 3.79 -8.40 40.04
N GLU B 526 3.09 -7.28 39.90
CA GLU B 526 1.73 -7.13 40.46
C GLU B 526 0.58 -7.37 39.47
N GLU B 527 0.82 -7.18 38.17
CA GLU B 527 -0.21 -7.44 37.15
C GLU B 527 0.35 -8.33 36.06
N TYR B 528 -0.46 -9.29 35.61
CA TYR B 528 -0.05 -10.18 34.52
C TYR B 528 -1.25 -10.94 34.00
N THR B 529 -1.13 -11.42 32.77
CA THR B 529 -2.17 -12.21 32.13
C THR B 529 -1.54 -13.51 31.67
N ASP B 530 -2.15 -14.64 32.04
CA ASP B 530 -1.54 -15.95 31.81
C ASP B 530 -2.32 -16.71 30.77
N ILE B 531 -1.63 -17.16 29.72
CA ILE B 531 -2.22 -17.91 28.64
C ILE B 531 -1.68 -19.33 28.74
N TRP B 532 -2.54 -20.27 29.13
CA TRP B 532 -2.14 -21.67 29.41
C TRP B 532 -2.74 -22.58 28.41
N PHE B 533 -1.99 -23.61 27.99
CA PHE B 533 -2.59 -24.77 27.36
C PHE B 533 -2.36 -26.02 28.22
N ASP B 534 -3.40 -26.84 28.29
CA ASP B 534 -3.47 -28.01 29.16
C ASP B 534 -3.91 -29.17 28.27
N PRO B 535 -2.94 -29.88 27.65
CA PRO B 535 -3.27 -30.95 26.71
C PRO B 535 -4.20 -32.04 27.26
N ALA B 536 -4.09 -32.35 28.54
CA ALA B 536 -4.90 -33.40 29.17
C ALA B 536 -6.39 -33.07 29.16
N SER B 537 -6.74 -31.80 29.44
CA SER B 537 -8.13 -31.31 29.35
C SER B 537 -8.50 -30.75 27.97
N GLU B 538 -7.49 -30.52 27.12
CA GLU B 538 -7.64 -29.91 25.79
C GLU B 538 -8.16 -28.47 25.87
N ASN B 539 -7.79 -27.76 26.94
CA ASN B 539 -8.27 -26.41 27.19
C ASN B 539 -7.13 -25.41 27.07
N LEU B 540 -7.35 -24.40 26.22
CA LEU B 540 -6.54 -23.18 26.18
C LEU B 540 -7.27 -22.15 27.03
N THR B 541 -6.59 -21.59 28.02
CA THR B 541 -7.23 -20.63 28.91
C THR B 541 -6.44 -19.34 28.97
N VAL B 542 -7.15 -18.25 29.27
CA VAL B 542 -6.53 -16.99 29.60
C VAL B 542 -7.03 -16.62 30.98
N VAL B 543 -6.13 -16.66 31.95
CA VAL B 543 -6.47 -16.41 33.34
C VAL B 543 -6.20 -14.95 33.59
N ARG B 544 -7.22 -14.25 34.05
CA ARG B 544 -7.16 -12.79 34.15
C ARG B 544 -7.44 -12.28 35.56
N THR B 545 -7.30 -13.16 36.56
CA THR B 545 -7.47 -12.78 37.97
C THR B 545 -6.48 -11.72 38.43
N ALA B 546 -5.28 -11.69 37.81
CA ALA B 546 -4.29 -10.66 38.10
C ALA B 546 -4.04 -9.64 36.95
N SER B 547 -4.89 -9.64 35.91
CA SER B 547 -4.65 -8.81 34.70
C SER B 547 -4.54 -7.32 35.01
N SER B 548 -5.34 -6.83 35.95
CA SER B 548 -5.30 -5.42 36.33
C SER B 548 -5.60 -5.17 37.80
N LEU B 549 -4.91 -4.18 38.37
CA LEU B 549 -5.29 -3.63 39.68
C LEU B 549 -6.64 -2.89 39.64
N ILE B 550 -7.06 -2.43 38.46
CA ILE B 550 -8.34 -1.73 38.32
C ILE B 550 -9.45 -2.77 38.36
N LYS B 551 -10.28 -2.73 39.39
CA LYS B 551 -11.25 -3.80 39.67
C LYS B 551 -12.52 -3.81 38.82
N SER B 552 -12.84 -2.69 38.17
CA SER B 552 -14.07 -2.59 37.38
C SER B 552 -14.05 -3.38 36.07
N PHE B 553 -12.87 -3.76 35.56
CA PHE B 553 -12.79 -4.54 34.32
C PHE B 553 -13.05 -6.01 34.58
N GLY B 554 -13.53 -6.71 33.55
CA GLY B 554 -13.80 -8.13 33.66
C GLY B 554 -12.54 -8.92 33.96
N ASN B 555 -12.69 -10.00 34.74
CA ASN B 555 -11.57 -10.85 35.13
C ASN B 555 -11.83 -12.34 34.97
N ASP B 556 -12.92 -12.69 34.29
CA ASP B 556 -13.28 -14.10 34.09
C ASP B 556 -12.26 -14.78 33.18
N THR B 557 -12.12 -16.08 33.37
CA THR B 557 -11.16 -16.89 32.64
C THR B 557 -11.73 -17.20 31.28
N GLU B 558 -10.96 -16.94 30.23
CA GLU B 558 -11.37 -17.26 28.87
C GLU B 558 -11.02 -18.71 28.62
N LEU B 559 -11.79 -19.39 27.77
CA LEU B 559 -11.53 -20.78 27.47
C LEU B 559 -11.83 -21.11 26.01
N ALA B 560 -10.89 -21.82 25.38
CA ALA B 560 -11.11 -22.42 24.07
C ALA B 560 -10.71 -23.89 24.09
N LYS B 561 -11.41 -24.70 23.31
CA LYS B 561 -11.03 -26.09 23.10
C LYS B 561 -10.07 -26.13 21.92
N VAL B 562 -8.97 -26.87 22.08
CA VAL B 562 -8.00 -27.11 21.00
C VAL B 562 -7.72 -28.61 20.90
N LYS B 563 -7.98 -29.17 19.71
CA LYS B 563 -7.67 -30.55 19.43
C LYS B 563 -6.28 -30.66 18.81
N LEU B 564 -5.35 -31.31 19.51
CA LEU B 564 -4.05 -31.63 18.95
C LEU B 564 -4.16 -32.95 18.19
N TYR B 565 -4.18 -32.88 16.85
CA TYR B 565 -4.28 -34.08 16.04
C TYR B 565 -2.90 -34.77 16.05
N GLU B 566 -2.84 -35.96 16.67
CA GLU B 566 -1.59 -36.69 16.83
C GLU B 566 -1.24 -37.38 15.53
N ILE B 567 0.05 -37.32 15.14
CA ILE B 567 0.46 -37.86 13.84
C ILE B 567 0.97 -39.31 13.98
N VAL B 568 0.56 -40.17 13.05
CA VAL B 568 0.99 -41.57 13.02
C VAL B 568 2.52 -41.63 13.14
N GLY B 569 3.00 -42.37 14.14
CA GLY B 569 4.42 -42.58 14.34
C GLY B 569 5.11 -41.52 15.19
N ALA B 570 4.40 -40.44 15.53
CA ALA B 570 4.98 -39.39 16.35
C ALA B 570 4.90 -39.80 17.81
N GLU B 571 5.90 -39.40 18.59
CA GLU B 571 5.89 -39.63 20.04
C GLU B 571 5.60 -38.35 20.81
N SER B 572 5.13 -37.32 20.12
CA SER B 572 4.75 -36.07 20.76
C SER B 572 3.69 -35.36 19.93
N LYS B 573 3.15 -34.27 20.48
CA LYS B 573 2.13 -33.48 19.80
C LYS B 573 2.42 -32.00 20.03
N THR B 574 2.18 -31.18 19.00
CA THR B 574 2.65 -29.80 18.96
C THR B 574 1.52 -28.76 18.96
N LEU B 575 1.68 -27.73 19.79
CA LEU B 575 0.81 -26.56 19.79
C LEU B 575 1.63 -25.37 19.30
N ASN B 576 1.28 -24.86 18.12
CA ASN B 576 1.84 -23.59 17.62
C ASN B 576 0.97 -22.44 18.07
N LEU B 577 1.55 -21.56 18.88
CA LEU B 577 0.82 -20.49 19.53
C LEU B 577 1.41 -19.15 19.09
N THR B 578 0.56 -18.28 18.55
CA THR B 578 0.91 -16.89 18.25
C THR B 578 -0.03 -15.96 19.04
N VAL B 579 0.55 -14.94 19.66
CA VAL B 579 -0.18 -14.03 20.51
C VAL B 579 0.17 -12.61 20.09
N PHE B 580 -0.87 -11.80 19.83
CA PHE B 580 -0.73 -10.37 19.59
C PHE B 580 -1.22 -9.60 20.82
N VAL B 581 -0.37 -8.71 21.30
CA VAL B 581 -0.69 -7.84 22.41
C VAL B 581 -0.69 -6.44 21.81
N ASP B 582 -1.81 -5.73 21.95
CA ASP B 582 -2.00 -4.47 21.25
C ASP B 582 -2.85 -3.55 22.11
N GLY B 583 -2.18 -2.79 22.97
CA GLY B 583 -2.86 -1.95 23.96
C GLY B 583 -3.50 -2.85 25.02
N SER B 584 -4.82 -2.99 24.94
CA SER B 584 -5.58 -3.87 25.80
C SER B 584 -6.01 -5.16 25.12
N VAL B 585 -5.83 -5.26 23.80
CA VAL B 585 -6.21 -6.47 23.08
C VAL B 585 -5.13 -7.54 23.26
N ILE B 586 -5.58 -8.76 23.54
CA ILE B 586 -4.75 -9.94 23.49
C ILE B 586 -5.46 -10.86 22.52
N GLU B 587 -4.81 -11.16 21.39
CA GLU B 587 -5.44 -11.96 20.35
C GLU B 587 -4.56 -13.18 20.08
N ILE B 588 -5.13 -14.36 20.30
CA ILE B 588 -4.38 -15.62 20.34
C ILE B 588 -4.81 -16.52 19.19
N TYR B 589 -3.83 -17.10 18.50
CA TYR B 589 -4.06 -18.05 17.42
C TYR B 589 -3.32 -19.34 17.73
N ALA B 590 -4.00 -20.47 17.61
CA ALA B 590 -3.41 -21.79 17.81
C ALA B 590 -3.56 -22.64 16.56
N ASN B 591 -2.45 -23.11 16.02
CA ASN B 591 -2.43 -24.05 14.90
C ASN B 591 -3.25 -23.62 13.68
N ASP B 592 -3.32 -22.32 13.41
CA ASP B 592 -4.08 -21.78 12.28
C ASP B 592 -5.53 -22.28 12.26
N GLU B 593 -6.14 -22.35 13.44
CA GLU B 593 -7.42 -23.03 13.59
C GLU B 593 -8.26 -22.39 14.70
N VAL B 594 -7.67 -22.23 15.89
CA VAL B 594 -8.38 -21.71 17.04
C VAL B 594 -7.97 -20.26 17.31
N ALA B 595 -8.95 -19.37 17.43
CA ALA B 595 -8.73 -17.97 17.76
C ALA B 595 -9.43 -17.60 19.06
N LEU B 596 -8.79 -16.75 19.85
CA LEU B 596 -9.34 -16.27 21.11
C LEU B 596 -8.88 -14.84 21.32
N SER B 597 -9.83 -13.91 21.31
CA SER B 597 -9.55 -12.49 21.53
C SER B 597 -10.05 -12.11 22.91
N THR B 598 -9.26 -11.36 23.66
CA THR B 598 -9.72 -10.90 24.97
C THR B 598 -9.09 -9.56 25.31
N ARG B 599 -9.37 -9.08 26.53
CA ARG B 599 -8.91 -7.77 26.99
C ARG B 599 -8.20 -7.83 28.34
N ALA B 600 -7.13 -7.04 28.48
CA ALA B 600 -6.46 -6.85 29.75
C ALA B 600 -6.09 -5.39 29.88
N TYR B 601 -6.35 -4.79 31.04
CA TYR B 601 -6.14 -3.38 31.26
C TYR B 601 -5.26 -3.07 32.49
N PRO B 602 -4.02 -3.61 32.53
CA PRO B 602 -3.15 -3.27 33.67
C PRO B 602 -2.86 -1.79 33.78
N TRP B 603 -2.89 -1.27 35.01
CA TRP B 603 -2.61 0.14 35.25
C TRP B 603 -1.14 0.51 35.15
N LEU B 604 -0.25 -0.34 35.66
CA LEU B 604 1.15 0.06 35.87
C LEU B 604 1.91 0.16 34.56
N ALA B 605 2.73 1.20 34.47
CA ALA B 605 3.50 1.48 33.26
C ALA B 605 4.43 0.32 32.86
N ASN B 606 4.93 -0.41 33.86
CA ASN B 606 5.83 -1.54 33.61
C ASN B 606 5.13 -2.91 33.49
N SER B 607 3.80 -2.96 33.43
CA SER B 607 3.10 -4.23 33.19
C SER B 607 3.06 -4.54 31.68
N THR B 608 4.24 -4.67 31.11
CA THR B 608 4.45 -4.95 29.69
C THR B 608 5.26 -6.21 29.41
N GLY B 609 5.83 -6.85 30.44
CA GLY B 609 6.72 -7.98 30.26
C GLY B 609 6.06 -9.26 29.80
N ALA B 610 6.90 -10.22 29.42
CA ALA B 610 6.42 -11.50 28.91
C ALA B 610 7.45 -12.63 29.04
N GLY B 611 6.94 -13.85 29.05
CA GLY B 611 7.80 -15.02 29.19
C GLY B 611 7.01 -16.31 29.16
N LEU B 612 7.69 -17.40 29.52
CA LEU B 612 7.11 -18.75 29.48
C LEU B 612 6.47 -19.15 30.80
N LEU B 613 5.35 -19.84 30.70
CA LEU B 613 4.68 -20.46 31.82
C LEU B 613 4.88 -21.98 31.76
N ALA B 614 5.05 -22.59 32.92
CA ALA B 614 5.23 -24.04 33.06
C ALA B 614 4.53 -24.49 34.33
N ASP B 615 3.81 -25.60 34.25
CA ASP B 615 3.20 -26.23 35.43
C ASP B 615 3.19 -27.75 35.30
N GLY B 616 3.69 -28.43 36.33
CA GLY B 616 3.78 -29.89 36.33
C GLY B 616 4.79 -30.46 35.36
N THR B 617 5.82 -29.67 35.00
CA THR B 617 6.90 -30.19 34.16
C THR B 617 7.95 -30.82 35.06
N THR B 618 8.38 -32.03 34.69
CA THR B 618 9.32 -32.83 35.48
C THR B 618 10.44 -33.35 34.57
N ALA B 619 11.36 -34.13 35.14
CA ALA B 619 12.39 -34.83 34.35
C ALA B 619 11.75 -35.78 33.34
N GLY B 620 10.63 -36.39 33.71
CA GLY B 620 9.91 -37.34 32.84
C GLY B 620 8.85 -36.70 31.95
N ASP B 621 8.17 -35.68 32.45
CA ASP B 621 7.11 -34.99 31.69
C ASP B 621 7.64 -33.60 31.28
N VAL B 622 8.17 -33.55 30.05
CA VAL B 622 8.94 -32.43 29.58
C VAL B 622 8.15 -31.69 28.47
N VAL B 623 8.25 -30.36 28.43
CA VAL B 623 7.68 -29.57 27.33
C VAL B 623 8.82 -28.85 26.62
N GLY B 624 8.98 -29.15 25.34
CA GLY B 624 9.99 -28.49 24.50
C GLY B 624 9.39 -27.27 23.81
N VAL B 625 10.02 -26.12 23.99
CA VAL B 625 9.56 -24.88 23.38
C VAL B 625 10.63 -24.39 22.40
N SER B 626 10.25 -24.25 21.13
CA SER B 626 11.15 -23.78 20.09
C SER B 626 10.40 -22.80 19.17
N GLY B 627 11.11 -22.27 18.16
CA GLY B 627 10.52 -21.28 17.25
C GLY B 627 10.10 -20.01 17.98
N LEU B 628 10.79 -19.68 19.07
CA LEU B 628 10.38 -18.58 19.93
C LEU B 628 10.85 -17.26 19.34
N GLU B 629 9.91 -16.33 19.17
CA GLU B 629 10.20 -14.99 18.69
C GLU B 629 9.35 -13.96 19.40
N LEU B 630 9.97 -12.82 19.69
CA LEU B 630 9.31 -11.63 20.18
C LEU B 630 9.42 -10.60 19.06
N TRP B 631 8.29 -10.07 18.62
CA TRP B 631 8.25 -8.93 17.69
C TRP B 631 7.80 -7.71 18.51
N ASP B 632 8.74 -6.85 18.87
CA ASP B 632 8.44 -5.70 19.70
C ASP B 632 8.16 -4.46 18.85
N GLY B 633 6.96 -3.90 19.02
CA GLY B 633 6.57 -2.61 18.43
C GLY B 633 5.40 -2.70 17.46
N LEU B 634 5.37 -3.75 16.65
CA LEU B 634 4.36 -3.93 15.59
C LEU B 634 4.43 -2.73 14.63
N VAL B 635 3.27 -2.18 14.21
CA VAL B 635 3.28 -0.98 13.37
C VAL B 635 2.15 -0.06 13.82
N ASP B 636 2.31 1.23 13.55
CA ASP B 636 1.24 2.21 13.75
C ASP B 636 0.26 2.02 12.58
N ALA B 637 -0.92 1.50 12.87
CA ALA B 637 -1.91 1.22 11.83
C ALA B 637 -2.55 2.48 11.23
N TRP B 638 -2.44 3.62 11.92
CA TRP B 638 -3.07 4.87 11.51
C TRP B 638 -2.08 6.02 11.46
N PRO B 639 -1.14 5.98 10.50
CA PRO B 639 -0.03 6.95 10.50
C PRO B 639 -0.46 8.40 10.43
N ALA B 640 -1.58 8.72 9.78
CA ALA B 640 -2.03 10.10 9.69
C ALA B 640 -2.72 10.60 10.97
N ARG B 641 -3.09 9.71 11.89
CA ARG B 641 -3.81 10.11 13.10
C ARG B 641 -2.83 10.52 14.18
N PRO B 642 -3.09 11.64 14.88
CA PRO B 642 -2.32 11.86 16.11
C PRO B 642 -2.66 10.81 17.18
N ALA B 643 -1.90 10.79 18.27
CA ALA B 643 -2.11 9.85 19.36
C ALA B 643 -3.52 9.99 19.98
N ASN B 644 -3.92 11.22 20.19
CA ASN B 644 -5.23 11.52 20.75
C ASN B 644 -6.16 12.07 19.67
N THR B 645 -7.02 11.21 19.15
CA THR B 645 -8.04 11.59 18.16
C THR B 645 -9.42 11.85 18.77
N SER B 646 -9.51 11.97 20.10
CA SER B 646 -10.78 12.36 20.73
C SER B 646 -11.26 13.69 20.20
N GLN B 647 -12.57 13.83 20.02
CA GLN B 647 -13.18 15.11 19.73
C GLN B 647 -14.16 15.50 20.83
N GLY B 648 -13.99 14.95 22.03
CA GLY B 648 -14.94 15.14 23.11
C GLY B 648 -16.15 14.24 22.98
N LEU B 649 -16.92 14.16 24.06
CA LEU B 649 -18.16 13.39 24.09
C LEU B 649 -19.33 14.33 24.31
N VAL B 650 -20.49 13.93 23.80
CA VAL B 650 -21.70 14.72 23.91
C VAL B 650 -22.85 13.88 24.45
N TRP B 651 -23.83 14.58 25.00
CA TRP B 651 -25.07 14.00 25.48
C TRP B 651 -26.21 14.44 24.55
N ASP B 652 -27.08 13.50 24.20
CA ASP B 652 -28.23 13.76 23.33
C ASP B 652 -29.34 14.60 24.00
N GLY B 653 -29.28 14.70 25.33
CA GLY B 653 -30.22 15.51 26.11
C GLY B 653 -31.43 14.71 26.53
N PRO B 654 -32.44 15.39 27.13
CA PRO B 654 -33.63 14.69 27.65
C PRO B 654 -34.47 13.96 26.60
N THR B 655 -34.40 14.35 25.32
CA THR B 655 -35.19 13.64 24.31
C THR B 655 -34.71 12.21 24.04
N ALA B 656 -33.48 11.84 24.42
CA ALA B 656 -33.03 10.46 24.20
C ALA B 656 -33.94 9.46 24.91
N ALA B 657 -34.25 9.73 26.18
CA ALA B 657 -35.19 8.90 26.95
C ALA B 657 -36.62 8.99 26.40
N MET B 658 -37.01 10.15 25.88
CA MET B 658 -38.34 10.31 25.29
C MET B 658 -38.52 9.43 24.06
N TYR B 659 -37.56 9.47 23.14
CA TYR B 659 -37.63 8.65 21.92
C TYR B 659 -37.41 7.17 22.26
N GLY B 660 -36.57 6.91 23.25
CA GLY B 660 -36.35 5.55 23.74
C GLY B 660 -35.56 4.64 22.83
N LEU B 661 -34.82 5.18 21.87
CA LEU B 661 -34.08 4.36 20.88
C LEU B 661 -32.62 4.14 21.22
N PHE B 662 -31.98 5.15 21.77
CA PHE B 662 -30.55 5.17 22.04
C PHE B 662 -30.32 5.61 23.49
N ALA B 663 -29.26 5.12 24.10
CA ALA B 663 -28.91 5.55 25.48
C ALA B 663 -28.73 7.06 25.56
N GLY B 664 -28.11 7.64 24.53
CA GLY B 664 -27.96 9.09 24.44
C GLY B 664 -26.59 9.62 24.80
N TYR B 665 -25.65 8.73 25.13
CA TYR B 665 -24.29 9.12 25.46
C TYR B 665 -23.32 8.06 24.94
#